data_1ARH
#
_entry.id   1ARH
#
_cell.length_a   84.120
_cell.length_b   79.610
_cell.length_c   89.850
_cell.angle_alpha   90.00
_cell.angle_beta   117.91
_cell.angle_gamma   90.00
#
_symmetry.space_group_name_H-M   'P 1 21 1'
#
loop_
_entity.id
_entity.type
_entity.pdbx_description
1 polymer 'ASPARTATE AMINOTRANSFERASE'
2 non-polymer '2-[(3-HYDROXY-2-METHYL-5-PHOSPHONOOXYMETHYL-PYRIDIN-4-YLMETHYLENE)-AMINO]-SUCCINIC ACID'
3 water water
#
_entity_poly.entity_id   1
_entity_poly.type   'polypeptide(L)'
_entity_poly.pdbx_seq_one_letter_code
;MFENITAAPADPILGLADLFRADERPGKINLGIGVYKDETGKTPVLTSVKKAEQYLLENETTKNYLGIDGIPEFGRCTQE
LLFGKGSALINDKRARTAQTPGGTGALRVAADFLAKNTSVKRVWVSNPSWPNHKSVFNSAGLEVREYAYYDAENHTLDFD
ALINSLNEAQAGDVVLFHGCCHNPTGIDPTLEQWQTLAQLSVEKGWLPLFDFARQGFARGLEEDAEGLRAFAAMHKELIV
ASSYSKNFGLYNERVGACTLVAADSETVDRAFSQMKAAIRANYSNPPAHGASVVATILSNDALRAIWEQELTDMRQRIQR
MRQLFVNTLQEKGANRDFSFIIKQNGMFSFSGLTKEQVLRLREEFGVYAVASGAVNVAGMTPDNMAPLCEAIVAVL
;
_entity_poly.pdbx_strand_id   A,B
#
loop_
_chem_comp.id
_chem_comp.type
_chem_comp.name
_chem_comp.formula
PPD non-polymer '2-[(3-HYDROXY-2-METHYL-5-PHOSPHONOOXYMETHYL-PYRIDIN-4-YLMETHYLENE)-AMINO]-SUCCINIC ACID' 'C12 H17 N2 O9 P'
#
# COMPACT_ATOMS: atom_id res chain seq x y z
N MET A 1 4.12 -17.97 -20.72
CA MET A 1 3.53 -16.65 -20.52
C MET A 1 4.54 -15.51 -20.40
N PHE A 2 5.68 -15.76 -19.77
CA PHE A 2 6.60 -14.66 -19.57
C PHE A 2 7.82 -14.63 -20.46
N GLU A 3 7.95 -15.56 -21.39
CA GLU A 3 9.13 -15.60 -22.25
C GLU A 3 9.43 -14.32 -23.04
N ASN A 4 8.39 -13.70 -23.58
CA ASN A 4 8.51 -12.54 -24.43
C ASN A 4 8.46 -11.18 -23.73
N ILE A 5 8.32 -11.17 -22.39
CA ILE A 5 8.25 -9.91 -21.65
C ILE A 5 9.51 -9.08 -21.80
N THR A 6 9.33 -7.79 -22.04
CA THR A 6 10.47 -6.89 -22.20
C THR A 6 10.88 -6.26 -20.88
N ALA A 7 12.18 -6.06 -20.74
CA ALA A 7 12.73 -5.45 -19.55
C ALA A 7 12.25 -4.05 -19.41
N ALA A 8 12.01 -3.69 -18.19
CA ALA A 8 11.55 -2.37 -17.98
C ALA A 8 12.73 -1.43 -17.86
N PRO A 9 12.53 -0.28 -18.45
CA PRO A 9 13.48 0.80 -18.44
C PRO A 9 13.77 1.12 -16.98
N ALA A 10 15.00 1.49 -16.65
CA ALA A 10 15.30 1.79 -15.25
C ALA A 10 14.58 3.04 -14.77
N ASP A 11 14.28 3.08 -13.47
CA ASP A 11 13.61 4.23 -12.87
C ASP A 11 14.55 5.40 -12.77
N PRO A 12 14.13 6.53 -13.33
CA PRO A 12 14.90 7.74 -13.36
C PRO A 12 15.52 8.12 -12.03
N ILE A 13 14.83 7.83 -10.92
CA ILE A 13 15.35 8.17 -9.60
C ILE A 13 15.96 6.97 -8.95
N LEU A 14 15.17 5.93 -8.85
CA LEU A 14 15.59 4.69 -8.23
C LEU A 14 16.80 4.10 -8.94
N GLY A 15 16.76 4.16 -10.25
CA GLY A 15 17.84 3.65 -11.09
C GLY A 15 19.21 4.23 -10.74
N LEU A 16 19.25 5.56 -10.63
CA LEU A 16 20.44 6.30 -10.31
C LEU A 16 20.99 5.89 -8.97
N ALA A 17 20.09 5.52 -8.08
CA ALA A 17 20.47 5.13 -6.74
C ALA A 17 21.21 3.81 -6.73
N ASP A 18 20.71 2.86 -7.51
CA ASP A 18 21.30 1.56 -7.60
C ASP A 18 22.74 1.73 -8.00
N LEU A 19 22.96 2.61 -8.99
CA LEU A 19 24.31 2.86 -9.42
C LEU A 19 25.21 3.56 -8.41
N PHE A 20 24.61 4.33 -7.52
CA PHE A 20 25.41 4.99 -6.54
C PHE A 20 26.16 3.98 -5.70
N ARG A 21 25.46 2.93 -5.32
CA ARG A 21 26.08 1.88 -4.54
C ARG A 21 27.27 1.26 -5.29
N ALA A 22 26.99 0.72 -6.47
CA ALA A 22 28.02 0.11 -7.28
C ALA A 22 29.20 1.03 -7.60
N ASP A 23 29.00 2.35 -7.61
CA ASP A 23 30.14 3.21 -7.86
C ASP A 23 30.99 2.95 -6.64
N GLU A 24 32.15 2.37 -6.77
CA GLU A 24 32.85 2.02 -5.56
C GLU A 24 33.93 2.99 -5.17
N ARG A 25 33.84 4.14 -5.75
CA ARG A 25 34.82 5.12 -5.47
C ARG A 25 34.66 5.82 -4.14
N PRO A 26 35.80 5.93 -3.46
CA PRO A 26 35.92 6.53 -2.16
C PRO A 26 35.09 7.80 -1.86
N GLY A 27 35.66 8.96 -2.22
CA GLY A 27 35.04 10.25 -1.93
C GLY A 27 33.85 10.69 -2.78
N LYS A 28 33.03 9.76 -3.20
CA LYS A 28 31.90 10.13 -4.02
C LYS A 28 30.70 10.73 -3.27
N ILE A 29 30.25 11.90 -3.69
CA ILE A 29 29.09 12.51 -3.09
C ILE A 29 27.83 11.95 -3.73
N ASN A 30 26.63 12.20 -3.17
CA ASN A 30 25.34 11.70 -3.71
C ASN A 30 24.21 12.71 -3.50
N LEU A 31 24.07 13.67 -4.39
CA LEU A 31 23.04 14.69 -4.25
C LEU A 31 21.79 14.42 -5.06
N GLY A 32 21.53 13.18 -5.38
CA GLY A 32 20.39 13.01 -6.24
C GLY A 32 19.17 12.27 -5.77
N ILE A 33 18.60 12.69 -4.67
CA ILE A 33 17.39 12.06 -4.19
C ILE A 33 16.84 12.85 -3.04
N GLY A 34 15.55 13.19 -3.17
CA GLY A 34 14.76 14.03 -2.29
C GLY A 34 14.52 13.59 -0.83
N VAL A 35 15.49 12.93 -0.23
CA VAL A 35 15.42 12.50 1.14
C VAL A 35 16.28 13.42 2.01
N TYR A 36 15.86 13.64 3.24
CA TYR A 36 16.61 14.49 4.14
C TYR A 36 17.87 13.84 4.66
N LYS A 37 18.92 14.65 4.86
CA LYS A 37 20.16 14.15 5.36
C LYS A 37 20.72 15.08 6.42
N ASP A 38 21.39 14.54 7.40
CA ASP A 38 21.90 15.44 8.41
C ASP A 38 23.35 15.78 8.19
N GLU A 39 23.80 16.75 8.98
CA GLU A 39 25.17 17.22 8.98
C GLU A 39 26.18 16.08 8.97
N THR A 40 25.74 14.88 9.35
CA THR A 40 26.64 13.74 9.36
C THR A 40 26.39 12.84 8.18
N GLY A 41 25.48 13.27 7.33
CA GLY A 41 25.19 12.48 6.19
C GLY A 41 24.29 11.32 6.48
N LYS A 42 23.54 11.36 7.59
CA LYS A 42 22.63 10.25 7.84
C LYS A 42 21.19 10.73 7.90
N THR A 43 20.25 9.80 7.74
CA THR A 43 18.80 10.07 7.77
C THR A 43 18.26 9.35 8.98
N PRO A 44 18.28 10.04 10.10
CA PRO A 44 17.87 9.45 11.36
C PRO A 44 16.39 9.42 11.65
N VAL A 45 16.07 8.68 12.71
CA VAL A 45 14.73 8.60 13.21
C VAL A 45 14.58 9.82 14.12
N LEU A 46 13.49 10.57 13.89
CA LEU A 46 13.19 11.76 14.67
C LEU A 46 13.03 11.37 16.14
N THR A 47 13.35 12.28 17.05
CA THR A 47 13.19 11.99 18.48
C THR A 47 11.73 11.83 18.89
N SER A 48 10.86 12.69 18.34
CA SER A 48 9.43 12.61 18.58
C SER A 48 8.89 11.23 18.18
N VAL A 49 9.41 10.74 17.06
CA VAL A 49 9.03 9.45 16.51
C VAL A 49 9.43 8.30 17.42
N LYS A 50 10.70 8.25 17.82
CA LYS A 50 11.17 7.18 18.70
C LYS A 50 10.30 7.14 19.96
N LYS A 51 9.90 8.33 20.45
CA LYS A 51 9.03 8.45 21.62
C LYS A 51 7.62 7.93 21.36
N ALA A 52 7.06 8.32 20.22
CA ALA A 52 5.73 7.85 19.91
C ALA A 52 5.72 6.35 19.75
N GLU A 53 6.87 5.81 19.40
CA GLU A 53 7.01 4.38 19.20
C GLU A 53 7.10 3.54 20.50
N GLN A 54 7.67 4.11 21.58
CA GLN A 54 7.76 3.39 22.86
C GLN A 54 6.34 3.27 23.36
N TYR A 55 5.67 4.41 23.25
CA TYR A 55 4.30 4.56 23.60
C TYR A 55 3.45 3.52 22.94
N LEU A 56 3.54 3.42 21.60
CA LEU A 56 2.75 2.41 20.89
C LEU A 56 3.16 1.02 21.28
N LEU A 57 4.43 0.81 21.59
CA LEU A 57 4.88 -0.52 21.99
C LEU A 57 4.19 -0.95 23.27
N GLU A 58 4.09 0.01 24.18
CA GLU A 58 3.49 -0.15 25.51
C GLU A 58 1.97 -0.26 25.50
N ASN A 59 1.33 0.53 24.65
CA ASN A 59 -0.11 0.60 24.61
C ASN A 59 -0.92 -0.21 23.60
N GLU A 60 -0.33 -0.69 22.53
CA GLU A 60 -1.15 -1.44 21.58
C GLU A 60 -1.53 -2.79 22.14
N THR A 61 -2.81 -3.13 22.01
CA THR A 61 -3.33 -4.41 22.47
C THR A 61 -3.89 -5.25 21.33
N THR A 62 -3.90 -4.69 20.14
CA THR A 62 -4.37 -5.40 18.98
C THR A 62 -3.80 -4.80 17.70
N LYS A 63 -3.76 -5.65 16.69
CA LYS A 63 -3.30 -5.23 15.40
C LYS A 63 -4.42 -5.51 14.43
N ASN A 64 -5.64 -5.41 14.91
CA ASN A 64 -6.78 -5.68 14.06
C ASN A 64 -6.88 -4.59 13.01
N TYR A 65 -7.39 -4.97 11.87
CA TYR A 65 -7.51 -4.07 10.74
C TYR A 65 -8.10 -2.72 11.07
N LEU A 66 -7.53 -1.70 10.46
CA LEU A 66 -8.05 -0.38 10.53
C LEU A 66 -9.20 -0.41 9.52
N GLY A 67 -9.97 0.66 9.45
CA GLY A 67 -11.04 0.76 8.49
C GLY A 67 -10.38 1.22 7.20
N ILE A 68 -11.04 0.99 6.06
CA ILE A 68 -10.54 1.37 4.76
C ILE A 68 -9.92 2.75 4.72
N ASP A 69 -10.50 3.71 5.42
CA ASP A 69 -9.90 5.03 5.39
C ASP A 69 -8.81 5.28 6.41
N GLY A 70 -8.59 4.29 7.29
CA GLY A 70 -7.53 4.40 8.33
C GLY A 70 -7.96 5.01 9.68
N ILE A 71 -6.99 5.59 10.40
CA ILE A 71 -7.19 6.19 11.72
C ILE A 71 -7.89 7.54 11.65
N PRO A 72 -9.07 7.65 12.29
CA PRO A 72 -9.81 8.90 12.26
C PRO A 72 -9.05 10.14 12.70
N GLU A 73 -8.36 10.04 13.82
CA GLU A 73 -7.61 11.17 14.32
C GLU A 73 -6.59 11.59 13.28
N PHE A 74 -6.08 10.58 12.57
CA PHE A 74 -5.11 10.79 11.53
C PHE A 74 -5.74 11.73 10.52
N GLY A 75 -6.96 11.40 10.12
CA GLY A 75 -7.68 12.21 9.16
C GLY A 75 -7.93 13.65 9.63
N ARG A 76 -8.44 13.81 10.87
CA ARG A 76 -8.70 15.16 11.34
C ARG A 76 -7.44 15.97 11.50
N CYS A 77 -6.39 15.33 11.98
CA CYS A 77 -5.15 16.03 12.16
C CYS A 77 -4.63 16.55 10.82
N THR A 78 -4.71 15.72 9.77
CA THR A 78 -4.23 16.14 8.46
C THR A 78 -5.01 17.30 7.87
N GLN A 79 -6.34 17.22 7.93
CA GLN A 79 -7.17 18.31 7.44
C GLN A 79 -6.85 19.63 8.13
N GLU A 80 -6.55 19.57 9.43
CA GLU A 80 -6.23 20.75 10.24
C GLU A 80 -4.94 21.39 9.72
N LEU A 81 -3.98 20.52 9.47
CA LEU A 81 -2.66 20.86 8.96
C LEU A 81 -2.79 21.52 7.56
N LEU A 82 -3.59 20.87 6.71
CA LEU A 82 -3.82 21.32 5.36
C LEU A 82 -4.58 22.62 5.34
N PHE A 83 -5.80 22.58 5.83
CA PHE A 83 -6.70 23.71 5.80
C PHE A 83 -6.71 24.72 6.93
N GLY A 84 -6.16 24.40 8.08
CA GLY A 84 -6.20 25.34 9.19
C GLY A 84 -7.22 24.90 10.23
N LYS A 85 -6.96 25.21 11.50
CA LYS A 85 -7.85 24.82 12.57
C LYS A 85 -9.30 25.31 12.45
N GLY A 86 -9.50 26.58 12.14
CA GLY A 86 -10.88 26.99 12.04
C GLY A 86 -11.48 26.97 10.64
N SER A 87 -11.04 26.06 9.79
CA SER A 87 -11.59 26.07 8.45
C SER A 87 -13.06 25.71 8.29
N ALA A 88 -13.72 26.45 7.39
CA ALA A 88 -15.12 26.24 7.05
C ALA A 88 -15.30 24.92 6.34
N LEU A 89 -14.24 24.53 5.63
CA LEU A 89 -14.23 23.27 4.93
C LEU A 89 -14.41 22.19 5.96
N ILE A 90 -13.73 22.41 7.07
CA ILE A 90 -13.80 21.47 8.16
C ILE A 90 -15.11 21.64 8.85
N ASN A 91 -15.44 22.87 9.08
CA ASN A 91 -16.69 23.10 9.76
C ASN A 91 -17.89 22.57 9.02
N ASP A 92 -17.89 22.76 7.71
CA ASP A 92 -19.00 22.31 6.92
C ASP A 92 -19.00 20.85 6.58
N LYS A 93 -18.06 20.09 7.18
CA LYS A 93 -17.92 18.65 6.94
C LYS A 93 -17.96 18.41 5.45
N ARG A 94 -17.07 19.16 4.81
CA ARG A 94 -16.91 19.23 3.39
C ARG A 94 -15.73 18.45 2.79
N ALA A 95 -14.88 17.90 3.65
CA ALA A 95 -13.72 17.13 3.27
C ALA A 95 -13.74 15.78 3.96
N ARG A 96 -13.12 14.80 3.33
CA ARG A 96 -12.96 13.45 3.83
C ARG A 96 -11.56 13.00 3.51
N THR A 97 -10.94 12.34 4.45
CA THR A 97 -9.58 11.96 4.23
C THR A 97 -9.37 10.47 4.36
N ALA A 98 -8.55 9.95 3.48
CA ALA A 98 -8.21 8.55 3.54
C ALA A 98 -6.72 8.44 3.76
N GLN A 99 -6.37 7.61 4.71
CA GLN A 99 -4.98 7.35 5.02
C GLN A 99 -4.51 6.36 3.97
N THR A 100 -3.38 6.66 3.33
CA THR A 100 -2.87 5.81 2.24
C THR A 100 -1.41 5.45 2.42
N PRO A 101 -0.94 4.51 1.62
CA PRO A 101 0.45 4.14 1.74
C PRO A 101 1.37 5.18 1.10
N GLY A 102 1.71 6.23 1.85
CA GLY A 102 2.59 7.27 1.31
C GLY A 102 1.86 8.27 0.39
N GLY A 103 2.61 9.28 -0.09
CA GLY A 103 2.13 10.31 -1.02
C GLY A 103 1.84 9.68 -2.39
N THR A 104 2.66 8.70 -2.77
CA THR A 104 2.45 7.99 -4.01
C THR A 104 1.10 7.28 -3.99
N GLY A 105 0.86 6.52 -2.90
CA GLY A 105 -0.39 5.78 -2.76
C GLY A 105 -1.61 6.69 -2.89
N ALA A 106 -1.47 7.93 -2.43
CA ALA A 106 -2.60 8.85 -2.50
C ALA A 106 -2.94 9.30 -3.93
N LEU A 107 -1.88 9.56 -4.64
CA LEU A 107 -1.90 10.00 -6.02
C LEU A 107 -2.60 8.89 -6.80
N ARG A 108 -2.12 7.68 -6.60
CA ARG A 108 -2.66 6.51 -7.27
C ARG A 108 -4.12 6.37 -6.99
N VAL A 109 -4.44 6.45 -5.70
CA VAL A 109 -5.80 6.34 -5.23
C VAL A 109 -6.65 7.45 -5.87
N ALA A 110 -6.13 8.66 -5.86
CA ALA A 110 -6.87 9.72 -6.50
C ALA A 110 -7.08 9.42 -7.99
N ALA A 111 -6.06 8.80 -8.60
CA ALA A 111 -6.08 8.44 -10.00
C ALA A 111 -7.15 7.44 -10.37
N ASP A 112 -7.18 6.34 -9.65
CA ASP A 112 -8.18 5.32 -9.88
C ASP A 112 -9.57 5.87 -9.66
N PHE A 113 -9.67 6.70 -8.64
CA PHE A 113 -10.95 7.27 -8.30
C PHE A 113 -11.56 8.05 -9.46
N LEU A 114 -10.76 8.96 -10.00
CA LEU A 114 -11.15 9.82 -11.12
C LEU A 114 -11.42 9.05 -12.42
N ALA A 115 -10.54 8.13 -12.76
CA ALA A 115 -10.68 7.37 -13.98
C ALA A 115 -11.96 6.57 -14.07
N LYS A 116 -12.41 6.00 -12.92
CA LYS A 116 -13.61 5.18 -12.90
C LYS A 116 -14.91 5.88 -12.53
N ASN A 117 -14.84 7.04 -11.89
CA ASN A 117 -16.05 7.72 -11.43
C ASN A 117 -16.30 9.06 -12.03
N THR A 118 -15.40 9.52 -12.89
CA THR A 118 -15.56 10.82 -13.51
C THR A 118 -15.27 10.80 -14.99
N SER A 119 -15.52 11.94 -15.62
CA SER A 119 -15.29 12.09 -17.04
C SER A 119 -13.84 12.51 -17.36
N VAL A 120 -13.00 12.61 -16.32
CA VAL A 120 -11.60 12.99 -16.46
C VAL A 120 -10.80 12.07 -17.38
N LYS A 121 -10.00 12.68 -18.29
CA LYS A 121 -9.16 11.98 -19.25
C LYS A 121 -7.70 12.39 -19.20
N ARG A 122 -7.49 13.66 -18.87
CA ARG A 122 -6.20 14.29 -18.89
C ARG A 122 -5.77 14.97 -17.61
N VAL A 123 -4.53 14.75 -17.21
CA VAL A 123 -4.02 15.51 -16.09
C VAL A 123 -2.82 16.34 -16.54
N TRP A 124 -2.84 17.61 -16.19
CA TRP A 124 -1.76 18.50 -16.55
C TRP A 124 -0.69 18.63 -15.49
N VAL A 125 0.53 18.26 -15.80
CA VAL A 125 1.59 18.42 -14.82
C VAL A 125 2.57 19.44 -15.35
N SER A 126 3.45 19.91 -14.49
CA SER A 126 4.42 20.89 -14.95
C SER A 126 5.63 20.29 -15.62
N ASN A 127 6.36 21.15 -16.31
CA ASN A 127 7.60 20.81 -16.96
C ASN A 127 8.75 21.63 -16.37
N PRO A 128 9.64 21.00 -15.57
CA PRO A 128 9.65 19.59 -15.23
C PRO A 128 8.84 19.29 -13.98
N SER A 129 8.71 18.01 -13.67
CA SER A 129 8.00 17.53 -12.50
C SER A 129 8.64 16.27 -11.98
N TRP A 130 8.16 15.76 -10.86
CA TRP A 130 8.70 14.52 -10.35
C TRP A 130 8.36 13.44 -11.39
N PRO A 131 9.36 12.74 -11.91
CA PRO A 131 9.11 11.75 -12.94
C PRO A 131 7.97 10.77 -12.66
N ASN A 132 7.80 10.37 -11.41
CA ASN A 132 6.77 9.41 -11.05
C ASN A 132 5.29 9.84 -11.26
N HIS A 133 5.06 11.13 -11.40
CA HIS A 133 3.71 11.63 -11.61
C HIS A 133 3.04 11.00 -12.83
N LYS A 134 3.78 11.03 -13.94
CA LYS A 134 3.36 10.50 -15.23
C LYS A 134 3.04 9.01 -15.12
N SER A 135 3.97 8.23 -14.57
CA SER A 135 3.71 6.80 -14.42
C SER A 135 2.48 6.51 -13.59
N VAL A 136 2.27 7.22 -12.47
CA VAL A 136 1.09 6.91 -11.73
C VAL A 136 -0.18 7.19 -12.49
N PHE A 137 -0.30 8.40 -13.06
CA PHE A 137 -1.51 8.75 -13.82
C PHE A 137 -1.73 7.86 -15.03
N ASN A 138 -0.64 7.59 -15.73
CA ASN A 138 -0.76 6.74 -16.89
C ASN A 138 -1.23 5.37 -16.45
N SER A 139 -0.85 4.94 -15.25
CA SER A 139 -1.27 3.63 -14.77
C SER A 139 -2.76 3.55 -14.58
N ALA A 140 -3.36 4.67 -14.26
CA ALA A 140 -4.81 4.74 -14.06
C ALA A 140 -5.50 4.93 -15.39
N GLY A 141 -4.71 4.95 -16.46
CA GLY A 141 -5.20 5.12 -17.83
C GLY A 141 -5.62 6.53 -18.16
N LEU A 142 -4.95 7.51 -17.55
CA LEU A 142 -5.25 8.91 -17.77
C LEU A 142 -4.13 9.53 -18.62
N GLU A 143 -4.45 10.58 -19.39
CA GLU A 143 -3.48 11.30 -20.22
C GLU A 143 -2.75 12.29 -19.36
N VAL A 144 -1.47 12.53 -19.62
CA VAL A 144 -0.79 13.57 -18.89
C VAL A 144 -0.24 14.61 -19.85
N ARG A 145 -0.71 15.85 -19.76
CA ARG A 145 -0.19 16.89 -20.61
C ARG A 145 0.80 17.67 -19.78
N GLU A 146 1.48 18.65 -20.36
CA GLU A 146 2.46 19.41 -19.63
C GLU A 146 2.30 20.89 -19.80
N TYR A 147 2.60 21.60 -18.73
CA TYR A 147 2.53 23.02 -18.77
C TYR A 147 3.91 23.60 -18.56
N ALA A 148 4.12 24.78 -19.11
CA ALA A 148 5.40 25.44 -18.96
C ALA A 148 5.52 25.92 -17.54
N TYR A 149 6.70 25.96 -17.00
CA TYR A 149 6.78 26.37 -15.63
C TYR A 149 8.01 27.16 -15.34
N TYR A 150 9.09 26.52 -15.67
CA TYR A 150 10.40 27.01 -15.43
C TYR A 150 10.98 27.86 -16.55
N ASP A 151 11.74 28.86 -16.14
CA ASP A 151 12.40 29.78 -17.06
C ASP A 151 13.90 29.52 -17.04
N ALA A 152 14.34 28.57 -17.91
CA ALA A 152 15.72 28.12 -18.07
C ALA A 152 16.72 29.25 -18.08
N GLU A 153 16.25 30.36 -18.57
CA GLU A 153 17.08 31.52 -18.69
C GLU A 153 17.25 32.33 -17.43
N ASN A 154 16.14 32.66 -16.76
CA ASN A 154 16.16 33.47 -15.55
C ASN A 154 16.09 32.73 -14.25
N HIS A 155 15.97 31.41 -14.33
CA HIS A 155 15.90 30.63 -13.12
C HIS A 155 14.77 31.09 -12.21
N THR A 156 13.60 31.21 -12.78
CA THR A 156 12.45 31.61 -12.04
C THR A 156 11.21 30.91 -12.61
N LEU A 157 10.05 31.33 -12.14
CA LEU A 157 8.76 30.83 -12.53
C LEU A 157 8.34 31.58 -13.80
N ASP A 158 8.12 30.89 -14.91
CA ASP A 158 7.70 31.57 -16.12
C ASP A 158 6.18 31.69 -16.11
N PHE A 159 5.76 32.70 -15.37
CA PHE A 159 4.35 32.93 -15.19
C PHE A 159 3.50 33.01 -16.45
N ASP A 160 3.99 33.77 -17.44
CA ASP A 160 3.28 33.92 -18.70
C ASP A 160 3.28 32.66 -19.51
N ALA A 161 4.44 31.99 -19.55
CA ALA A 161 4.52 30.75 -20.27
C ALA A 161 3.54 29.75 -19.66
N LEU A 162 3.50 29.72 -18.32
CA LEU A 162 2.61 28.84 -17.54
C LEU A 162 1.15 29.16 -17.82
N ILE A 163 0.80 30.43 -17.69
CA ILE A 163 -0.56 30.77 -17.95
C ILE A 163 -0.89 30.50 -19.40
N ASN A 164 0.11 30.58 -20.27
CA ASN A 164 -0.15 30.32 -21.65
C ASN A 164 -0.40 28.89 -22.04
N SER A 165 0.31 27.92 -21.42
CA SER A 165 0.06 26.54 -21.77
C SER A 165 -1.27 26.09 -21.26
N LEU A 166 -1.62 26.67 -20.11
CA LEU A 166 -2.83 26.34 -19.43
C LEU A 166 -4.08 26.64 -20.21
N ASN A 167 -3.95 27.50 -21.20
CA ASN A 167 -5.10 27.77 -22.01
C ASN A 167 -5.50 26.56 -22.90
N GLU A 168 -4.61 25.55 -23.16
CA GLU A 168 -4.97 24.37 -24.00
C GLU A 168 -5.74 23.30 -23.24
N ALA A 169 -6.05 23.68 -22.02
CA ALA A 169 -6.74 22.87 -21.05
C ALA A 169 -8.24 23.10 -21.00
N GLN A 170 -8.98 22.01 -21.04
CA GLN A 170 -10.41 22.09 -21.01
C GLN A 170 -11.02 22.03 -19.61
N ALA A 171 -12.22 22.57 -19.56
CA ALA A 171 -12.96 22.55 -18.35
C ALA A 171 -13.15 21.08 -18.05
N GLY A 172 -12.82 20.65 -16.84
CA GLY A 172 -13.01 19.25 -16.55
C GLY A 172 -11.70 18.53 -16.62
N ASP A 173 -10.65 19.29 -16.84
CA ASP A 173 -9.34 18.72 -16.87
C ASP A 173 -8.74 18.85 -15.47
N VAL A 174 -7.86 17.92 -15.12
CA VAL A 174 -7.20 17.96 -13.84
C VAL A 174 -5.86 18.67 -14.02
N VAL A 175 -5.61 19.70 -13.20
CA VAL A 175 -4.35 20.42 -13.24
C VAL A 175 -3.59 20.07 -11.96
N LEU A 176 -2.37 19.56 -12.08
CA LEU A 176 -1.64 19.20 -10.87
C LEU A 176 -0.71 20.29 -10.39
N PHE A 177 -0.81 20.61 -9.10
CA PHE A 177 0.04 21.62 -8.47
C PHE A 177 0.87 21.08 -7.32
N HIS A 178 2.12 21.51 -7.28
CA HIS A 178 3.01 21.15 -6.20
C HIS A 178 2.72 22.17 -5.11
N GLY A 179 2.19 21.75 -3.95
CA GLY A 179 1.82 22.65 -2.85
C GLY A 179 2.88 23.66 -2.44
N CYS A 180 4.12 23.18 -2.37
CA CYS A 180 5.27 24.00 -1.99
C CYS A 180 6.49 23.16 -2.25
N CYS A 181 7.68 23.76 -2.28
CA CYS A 181 8.91 23.00 -2.54
C CYS A 181 8.83 22.17 -3.80
N HIS A 182 8.55 22.83 -4.93
CA HIS A 182 8.44 22.21 -6.24
C HIS A 182 9.57 21.21 -6.48
N ASN A 183 9.22 20.01 -6.99
CA ASN A 183 10.17 18.95 -7.33
C ASN A 183 10.19 18.88 -8.86
N PRO A 184 11.33 19.17 -9.51
CA PRO A 184 12.66 19.33 -8.94
C PRO A 184 13.29 20.70 -8.98
N THR A 185 12.51 21.73 -9.24
CA THR A 185 13.06 23.06 -9.35
C THR A 185 13.30 23.88 -8.08
N GLY A 186 12.49 23.69 -7.05
CA GLY A 186 12.60 24.48 -5.83
C GLY A 186 11.92 25.85 -5.99
N ILE A 187 11.23 26.01 -7.13
CA ILE A 187 10.52 27.23 -7.49
C ILE A 187 9.02 27.10 -7.30
N ASP A 188 8.49 27.94 -6.41
CA ASP A 188 7.09 27.97 -6.07
C ASP A 188 6.51 29.32 -6.43
N PRO A 189 5.22 29.37 -6.63
CA PRO A 189 4.60 30.64 -6.93
C PRO A 189 4.49 31.47 -5.66
N THR A 190 4.22 32.76 -5.84
CA THR A 190 4.03 33.65 -4.70
C THR A 190 2.56 33.60 -4.32
N LEU A 191 2.25 34.15 -3.15
CA LEU A 191 0.88 34.18 -2.70
C LEU A 191 0.05 34.88 -3.79
N GLU A 192 0.60 35.95 -4.34
CA GLU A 192 -0.10 36.65 -5.39
C GLU A 192 -0.34 35.79 -6.62
N GLN A 193 0.63 34.96 -6.95
CA GLN A 193 0.49 34.11 -8.10
C GLN A 193 -0.53 33.04 -7.84
N TRP A 194 -0.42 32.45 -6.66
CA TRP A 194 -1.35 31.41 -6.27
C TRP A 194 -2.77 31.93 -6.38
N GLN A 195 -2.98 33.16 -5.91
CA GLN A 195 -4.29 33.80 -5.97
C GLN A 195 -4.77 33.98 -7.39
N THR A 196 -3.84 34.27 -8.31
CA THR A 196 -4.17 34.44 -9.73
C THR A 196 -4.55 33.12 -10.35
N LEU A 197 -3.75 32.11 -10.03
CA LEU A 197 -4.01 30.78 -10.53
C LEU A 197 -5.34 30.25 -10.02
N ALA A 198 -5.70 30.70 -8.82
CA ALA A 198 -6.93 30.28 -8.17
C ALA A 198 -8.17 30.81 -8.86
N GLN A 199 -8.14 32.09 -9.26
CA GLN A 199 -9.24 32.71 -9.94
C GLN A 199 -9.41 32.11 -11.34
N LEU A 200 -8.26 31.85 -11.99
CA LEU A 200 -8.17 31.27 -13.33
C LEU A 200 -8.84 29.92 -13.40
N SER A 201 -8.50 29.11 -12.39
CA SER A 201 -8.96 27.76 -12.20
C SER A 201 -10.47 27.66 -12.13
N VAL A 202 -11.07 28.55 -11.37
CA VAL A 202 -12.51 28.51 -11.29
C VAL A 202 -13.14 29.03 -12.57
N GLU A 203 -12.56 30.10 -13.10
CA GLU A 203 -13.00 30.72 -14.35
C GLU A 203 -13.05 29.68 -15.48
N LYS A 204 -12.07 28.77 -15.48
CA LYS A 204 -11.82 27.72 -16.48
C LYS A 204 -12.46 26.32 -16.28
N GLY A 205 -12.83 25.95 -15.06
CA GLY A 205 -13.42 24.63 -14.83
C GLY A 205 -12.38 23.55 -14.58
N TRP A 206 -11.18 23.94 -14.15
CA TRP A 206 -10.16 22.92 -13.88
C TRP A 206 -10.48 22.24 -12.56
N LEU A 207 -9.93 21.05 -12.36
CA LEU A 207 -10.10 20.34 -11.11
C LEU A 207 -8.73 20.33 -10.48
N PRO A 208 -8.55 21.09 -9.41
CA PRO A 208 -7.26 21.15 -8.77
C PRO A 208 -6.88 19.90 -8.02
N LEU A 209 -5.64 19.48 -8.20
CA LEU A 209 -5.08 18.33 -7.53
C LEU A 209 -3.80 18.84 -6.89
N PHE A 210 -3.71 18.86 -5.58
CA PHE A 210 -2.47 19.35 -5.03
C PHE A 210 -1.59 18.20 -4.59
N ASP A 211 -0.31 18.36 -4.83
CA ASP A 211 0.62 17.35 -4.41
C ASP A 211 1.40 17.98 -3.28
N PHE A 212 1.17 17.53 -2.07
CA PHE A 212 1.84 18.13 -0.95
C PHE A 212 2.79 17.15 -0.30
N ALA A 213 4.05 17.17 -0.70
CA ALA A 213 4.93 16.20 -0.14
C ALA A 213 5.97 16.71 0.83
N ARG A 214 6.06 18.02 0.98
CA ARG A 214 7.08 18.58 1.83
C ARG A 214 6.57 19.74 2.67
N GLN A 215 5.34 19.64 3.13
CA GLN A 215 4.81 20.72 3.94
C GLN A 215 5.65 20.92 5.16
N GLY A 216 6.08 22.18 5.33
CA GLY A 216 6.91 22.59 6.46
C GLY A 216 8.35 22.89 6.07
N PHE A 217 8.71 22.59 4.82
CA PHE A 217 10.07 22.79 4.33
C PHE A 217 10.37 24.07 3.56
N ALA A 218 9.37 24.83 3.15
CA ALA A 218 9.71 26.04 2.45
C ALA A 218 9.95 27.11 3.49
N ARG A 219 8.84 27.59 4.09
CA ARG A 219 8.80 28.63 5.12
C ARG A 219 8.39 28.15 6.52
N GLY A 220 7.42 27.23 6.57
CA GLY A 220 6.88 26.65 7.80
C GLY A 220 5.53 26.02 7.51
N LEU A 221 5.08 25.11 8.36
CA LEU A 221 3.81 24.39 8.23
C LEU A 221 2.64 25.18 7.66
N GLU A 222 2.39 26.34 8.25
CA GLU A 222 1.26 27.17 7.84
C GLU A 222 1.50 27.95 6.57
N GLU A 223 2.63 28.63 6.53
CA GLU A 223 3.00 29.42 5.38
C GLU A 223 2.90 28.57 4.13
N ASP A 224 3.61 27.45 4.17
CA ASP A 224 3.69 26.52 3.07
C ASP A 224 2.33 26.13 2.53
N ALA A 225 1.28 26.44 3.28
CA ALA A 225 -0.03 26.04 2.84
C ALA A 225 -0.92 27.14 2.36
N GLU A 226 -0.41 28.36 2.35
CA GLU A 226 -1.25 29.44 1.90
C GLU A 226 -1.75 29.23 0.47
N GLY A 227 -0.95 28.55 -0.36
CA GLY A 227 -1.35 28.32 -1.74
C GLY A 227 -2.62 27.49 -1.79
N LEU A 228 -2.52 26.30 -1.20
CA LEU A 228 -3.64 25.38 -1.11
C LEU A 228 -4.85 26.08 -0.55
N ARG A 229 -4.60 26.86 0.47
CA ARG A 229 -5.64 27.59 1.16
C ARG A 229 -6.36 28.60 0.29
N ALA A 230 -5.61 29.26 -0.59
CA ALA A 230 -6.21 30.22 -1.50
C ALA A 230 -7.13 29.51 -2.49
N PHE A 231 -6.73 28.31 -2.93
CA PHE A 231 -7.56 27.53 -3.84
C PHE A 231 -8.84 27.07 -3.17
N ALA A 232 -8.67 26.53 -1.94
CA ALA A 232 -9.77 26.01 -1.13
C ALA A 232 -10.81 27.08 -0.83
N ALA A 233 -10.36 28.33 -0.84
CA ALA A 233 -11.26 29.43 -0.59
C ALA A 233 -12.23 29.64 -1.74
N MET A 234 -11.90 29.22 -2.96
CA MET A 234 -12.87 29.44 -4.03
C MET A 234 -13.34 28.24 -4.78
N HIS A 235 -12.75 27.11 -4.50
CA HIS A 235 -13.13 25.92 -5.19
C HIS A 235 -14.20 25.15 -4.47
N LYS A 236 -15.07 24.49 -5.22
CA LYS A 236 -16.07 23.68 -4.60
C LYS A 236 -15.47 22.31 -4.43
N GLU A 237 -14.71 21.90 -5.44
CA GLU A 237 -14.08 20.60 -5.46
C GLU A 237 -12.57 20.71 -5.53
N LEU A 238 -11.89 19.67 -5.09
CA LEU A 238 -10.46 19.73 -5.01
C LEU A 238 -9.94 18.41 -4.50
N ILE A 239 -8.69 18.12 -4.75
CA ILE A 239 -8.14 16.88 -4.25
C ILE A 239 -6.77 17.14 -3.68
N VAL A 240 -6.45 16.52 -2.57
CA VAL A 240 -5.14 16.73 -1.99
C VAL A 240 -4.47 15.44 -1.63
N ALA A 241 -3.23 15.34 -2.05
CA ALA A 241 -2.44 14.18 -1.75
C ALA A 241 -1.24 14.64 -0.97
N SER A 242 -1.13 14.13 0.24
CA SER A 242 -0.02 14.53 1.06
C SER A 242 0.76 13.36 1.56
N SER A 243 1.97 13.70 1.95
CA SER A 243 2.91 12.76 2.42
C SER A 243 3.55 13.24 3.69
N TYR A 244 3.82 12.29 4.57
CA TYR A 244 4.45 12.55 5.84
C TYR A 244 5.83 11.93 5.85
N SER A 245 6.30 11.49 4.68
CA SER A 245 7.60 10.88 4.58
C SER A 245 8.73 11.85 4.85
N LYS A 246 8.66 13.07 4.35
CA LYS A 246 9.80 13.93 4.58
C LYS A 246 9.75 14.64 5.93
N ASN A 247 8.62 15.30 6.19
CA ASN A 247 8.42 16.06 7.42
C ASN A 247 8.49 15.29 8.77
N PHE A 248 8.17 13.98 8.77
CA PHE A 248 8.20 13.11 9.94
C PHE A 248 9.36 12.11 9.90
N GLY A 249 10.13 12.08 8.80
CA GLY A 249 11.25 11.13 8.65
C GLY A 249 10.76 9.67 8.61
N LEU A 250 9.51 9.52 8.20
CA LEU A 250 8.81 8.21 8.16
C LEU A 250 8.73 7.53 6.75
N TYR A 251 9.69 7.82 5.89
CA TYR A 251 9.81 7.30 4.53
C TYR A 251 9.36 5.86 4.31
N ASN A 252 10.00 4.91 4.99
CA ASN A 252 9.69 3.50 4.78
C ASN A 252 8.43 2.96 5.44
N GLU A 253 7.72 3.86 6.15
CA GLU A 253 6.51 3.47 6.81
C GLU A 253 5.28 3.68 5.96
N ARG A 254 5.40 4.53 4.92
CA ARG A 254 4.30 4.76 3.98
C ARG A 254 3.13 5.49 4.58
N VAL A 255 3.40 6.74 4.94
CA VAL A 255 2.43 7.59 5.56
C VAL A 255 2.07 8.80 4.73
N GLY A 256 0.85 8.79 4.22
CA GLY A 256 0.34 9.90 3.45
C GLY A 256 -1.16 9.91 3.56
N ALA A 257 -1.79 10.81 2.82
CA ALA A 257 -3.24 10.90 2.84
C ALA A 257 -3.84 11.46 1.56
N CYS A 258 -5.07 11.09 1.33
CA CYS A 258 -5.80 11.57 0.20
C CYS A 258 -7.06 12.23 0.67
N THR A 259 -7.06 13.54 0.57
CA THR A 259 -8.19 14.35 0.94
C THR A 259 -8.99 14.78 -0.30
N LEU A 260 -10.30 14.52 -0.21
CA LEU A 260 -11.33 14.79 -1.20
C LEU A 260 -12.22 15.94 -0.72
N VAL A 261 -12.38 17.02 -1.51
CA VAL A 261 -13.27 18.10 -1.11
C VAL A 261 -14.39 18.33 -2.08
N ALA A 262 -15.62 18.44 -1.55
CA ALA A 262 -16.80 18.61 -2.39
C ALA A 262 -17.64 19.79 -1.96
N ALA A 263 -18.58 20.20 -2.80
CA ALA A 263 -19.40 21.36 -2.50
C ALA A 263 -20.06 21.29 -1.16
N ASP A 264 -20.46 20.07 -0.80
CA ASP A 264 -21.13 19.82 0.46
C ASP A 264 -20.92 18.40 0.97
N SER A 265 -21.37 18.20 2.20
CA SER A 265 -21.25 16.95 2.92
C SER A 265 -21.89 15.72 2.27
N GLU A 266 -23.06 15.89 1.67
CA GLU A 266 -23.72 14.77 1.04
C GLU A 266 -22.96 14.26 -0.17
N THR A 267 -22.33 15.20 -0.84
CA THR A 267 -21.56 14.94 -2.03
C THR A 267 -20.24 14.27 -1.72
N VAL A 268 -19.44 14.84 -0.80
CA VAL A 268 -18.17 14.17 -0.47
C VAL A 268 -18.43 12.77 0.03
N ASP A 269 -19.53 12.63 0.76
CA ASP A 269 -19.81 11.32 1.29
C ASP A 269 -20.05 10.30 0.20
N ARG A 270 -20.87 10.67 -0.77
CA ARG A 270 -21.19 9.80 -1.89
C ARG A 270 -19.94 9.49 -2.68
N ALA A 271 -19.15 10.53 -2.92
CA ALA A 271 -17.90 10.42 -3.62
C ALA A 271 -16.87 9.63 -2.83
N PHE A 272 -16.71 9.94 -1.54
CA PHE A 272 -15.74 9.22 -0.70
C PHE A 272 -15.95 7.71 -0.73
N SER A 273 -17.20 7.27 -0.93
CA SER A 273 -17.57 5.85 -0.98
C SER A 273 -16.94 5.11 -2.16
N GLN A 274 -16.84 5.83 -3.28
CA GLN A 274 -16.24 5.31 -4.49
C GLN A 274 -14.73 5.27 -4.29
N MET A 275 -14.23 6.28 -3.60
CA MET A 275 -12.83 6.33 -3.29
C MET A 275 -12.42 5.16 -2.42
N LYS A 276 -13.31 4.77 -1.52
CA LYS A 276 -13.05 3.66 -0.62
C LYS A 276 -13.11 2.35 -1.37
N ALA A 277 -14.05 2.27 -2.31
CA ALA A 277 -14.15 1.05 -3.09
C ALA A 277 -12.83 0.86 -3.82
N ALA A 278 -12.31 1.97 -4.38
CA ALA A 278 -11.02 1.95 -5.08
C ALA A 278 -9.88 1.41 -4.23
N ILE A 279 -9.79 1.89 -2.97
CA ILE A 279 -8.77 1.46 -2.01
C ILE A 279 -8.92 -0.04 -1.68
N ARG A 280 -10.16 -0.44 -1.51
CA ARG A 280 -10.49 -1.81 -1.21
C ARG A 280 -9.96 -2.79 -2.25
N ALA A 281 -10.06 -2.42 -3.53
CA ALA A 281 -9.59 -3.32 -4.58
C ALA A 281 -8.11 -3.19 -4.90
N ASN A 282 -7.44 -2.31 -4.17
CA ASN A 282 -6.03 -2.08 -4.32
C ASN A 282 -5.28 -2.74 -3.15
N TYR A 283 -5.17 -2.03 -2.01
CA TYR A 283 -4.48 -2.60 -0.86
C TYR A 283 -5.35 -2.96 0.35
N SER A 284 -6.67 -2.69 0.25
CA SER A 284 -7.65 -3.04 1.29
C SER A 284 -7.86 -2.02 2.40
N ASN A 285 -6.81 -1.81 3.17
CA ASN A 285 -6.80 -0.90 4.30
C ASN A 285 -5.35 -0.54 4.56
N PRO A 286 -5.08 0.60 5.15
CA PRO A 286 -3.70 1.02 5.31
C PRO A 286 -2.85 0.43 6.44
N PRO A 287 -1.54 0.66 6.33
CA PRO A 287 -0.57 0.21 7.31
C PRO A 287 -0.65 1.17 8.53
N ALA A 288 -0.92 0.61 9.70
CA ALA A 288 -1.09 1.38 10.92
C ALA A 288 0.13 2.10 11.52
N HIS A 289 1.23 1.40 11.67
CA HIS A 289 2.45 1.91 12.30
C HIS A 289 2.84 3.37 12.16
N GLY A 290 3.12 3.79 10.94
CA GLY A 290 3.54 5.16 10.71
C GLY A 290 2.42 6.17 10.88
N ALA A 291 1.19 5.81 10.50
CA ALA A 291 0.10 6.76 10.65
C ALA A 291 -0.21 6.98 12.14
N SER A 292 -0.04 5.89 12.88
CA SER A 292 -0.25 5.88 14.30
C SER A 292 0.73 6.80 14.95
N VAL A 293 1.98 6.66 14.58
CA VAL A 293 2.99 7.51 15.13
C VAL A 293 2.64 8.96 14.83
N VAL A 294 2.05 9.19 13.66
CA VAL A 294 1.72 10.56 13.30
C VAL A 294 0.62 11.15 14.16
N ALA A 295 -0.44 10.37 14.34
CA ALA A 295 -1.56 10.79 15.15
C ALA A 295 -1.14 11.06 16.61
N THR A 296 -0.36 10.15 17.17
CA THR A 296 0.14 10.30 18.52
C THR A 296 0.89 11.61 18.66
N ILE A 297 1.79 11.85 17.75
CA ILE A 297 2.52 13.07 17.85
C ILE A 297 1.68 14.29 17.65
N LEU A 298 0.81 14.29 16.65
CA LEU A 298 0.06 15.50 16.41
C LEU A 298 -0.99 15.75 17.45
N SER A 299 -1.23 14.73 18.22
CA SER A 299 -2.25 14.88 19.22
C SER A 299 -1.73 15.22 20.61
N ASN A 300 -0.48 14.92 20.88
CA ASN A 300 0.08 15.24 22.17
C ASN A 300 0.89 16.52 22.10
N ASP A 301 0.43 17.55 22.81
CA ASP A 301 1.11 18.84 22.83
C ASP A 301 2.62 18.84 23.05
N ALA A 302 3.11 17.94 23.92
CA ALA A 302 4.52 17.86 24.23
C ALA A 302 5.35 17.31 23.08
N LEU A 303 4.88 16.18 22.54
CA LEU A 303 5.50 15.50 21.42
C LEU A 303 5.45 16.42 20.21
N ARG A 304 4.30 16.99 19.97
CA ARG A 304 4.17 17.89 18.87
C ARG A 304 5.13 19.07 18.91
N ALA A 305 5.52 19.46 20.11
CA ALA A 305 6.42 20.60 20.23
C ALA A 305 7.82 20.19 19.93
N ILE A 306 8.14 18.99 20.32
CA ILE A 306 9.46 18.51 20.04
C ILE A 306 9.55 18.36 18.53
N TRP A 307 8.52 17.77 17.92
CA TRP A 307 8.45 17.56 16.49
C TRP A 307 8.64 18.84 15.70
N GLU A 308 7.82 19.85 15.96
CA GLU A 308 7.94 21.08 15.21
C GLU A 308 9.32 21.66 15.30
N GLN A 309 9.98 21.39 16.41
CA GLN A 309 11.31 21.92 16.57
C GLN A 309 12.27 21.14 15.70
N GLU A 310 12.07 19.82 15.64
CA GLU A 310 12.90 18.95 14.81
C GLU A 310 12.73 19.34 13.33
N LEU A 311 11.51 19.72 12.96
CA LEU A 311 11.16 20.15 11.61
C LEU A 311 11.88 21.42 11.25
N THR A 312 11.89 22.32 12.21
CA THR A 312 12.52 23.60 12.06
C THR A 312 14.01 23.46 11.92
N ASP A 313 14.56 22.48 12.60
CA ASP A 313 15.97 22.24 12.51
C ASP A 313 16.34 21.75 11.13
N MET A 314 15.53 20.82 10.62
CA MET A 314 15.73 20.29 9.30
C MET A 314 15.70 21.43 8.29
N ARG A 315 14.62 22.20 8.32
CA ARG A 315 14.46 23.34 7.44
C ARG A 315 15.62 24.33 7.55
N GLN A 316 16.06 24.63 8.75
CA GLN A 316 17.14 25.58 8.83
C GLN A 316 18.42 25.05 8.31
N ARG A 317 18.64 23.78 8.54
CA ARG A 317 19.86 23.17 8.04
C ARG A 317 19.95 23.34 6.50
N ILE A 318 18.81 23.13 5.84
CA ILE A 318 18.76 23.28 4.40
C ILE A 318 19.12 24.71 4.01
N GLN A 319 18.42 25.67 4.59
CA GLN A 319 18.68 27.05 4.31
C GLN A 319 20.12 27.43 4.52
N ARG A 320 20.79 26.68 5.38
CA ARG A 320 22.18 26.93 5.66
C ARG A 320 23.04 26.43 4.50
N MET A 321 22.67 25.28 3.97
CA MET A 321 23.40 24.71 2.88
C MET A 321 23.24 25.53 1.59
N ARG A 322 22.08 26.12 1.32
CA ARG A 322 21.97 26.91 0.10
C ARG A 322 22.97 28.04 0.11
N GLN A 323 22.96 28.80 1.20
CA GLN A 323 23.85 29.93 1.33
C GLN A 323 25.28 29.48 1.28
N LEU A 324 25.56 28.44 2.01
CA LEU A 324 26.91 27.94 2.01
C LEU A 324 27.34 27.46 0.62
N PHE A 325 26.39 26.89 -0.13
CA PHE A 325 26.64 26.40 -1.49
C PHE A 325 26.96 27.54 -2.44
N VAL A 326 26.09 28.55 -2.52
CA VAL A 326 26.43 29.63 -3.42
C VAL A 326 27.71 30.32 -3.00
N ASN A 327 27.96 30.34 -1.71
CA ASN A 327 29.16 30.98 -1.24
C ASN A 327 30.42 30.29 -1.70
N THR A 328 30.48 28.98 -1.52
CA THR A 328 31.61 28.17 -1.91
C THR A 328 31.72 28.13 -3.44
N LEU A 329 30.56 28.22 -4.10
CA LEU A 329 30.55 28.23 -5.54
C LEU A 329 31.40 29.44 -5.94
N GLN A 330 31.05 30.60 -5.37
CA GLN A 330 31.76 31.84 -5.61
C GLN A 330 33.25 31.74 -5.28
N GLU A 331 33.56 31.49 -4.02
CA GLU A 331 34.94 31.37 -3.60
C GLU A 331 35.70 30.29 -4.33
N LYS A 332 35.02 29.55 -5.19
CA LYS A 332 35.70 28.47 -5.86
C LYS A 332 36.04 28.72 -7.34
N GLY A 333 35.78 29.94 -7.80
CA GLY A 333 36.13 30.26 -9.16
C GLY A 333 34.98 30.41 -10.13
N ALA A 334 33.86 29.76 -9.82
CA ALA A 334 32.65 29.78 -10.66
C ALA A 334 32.38 31.17 -11.18
N ASN A 335 32.15 31.34 -12.46
CA ASN A 335 31.91 32.70 -12.88
C ASN A 335 30.67 32.86 -13.65
N ARG A 336 29.71 32.36 -12.94
CA ARG A 336 28.33 32.33 -13.24
C ARG A 336 27.77 32.61 -11.88
N ASP A 337 26.71 33.35 -11.86
CA ASP A 337 26.10 33.70 -10.62
C ASP A 337 25.14 32.61 -10.16
N PHE A 338 25.34 32.09 -8.94
CA PHE A 338 24.48 31.06 -8.39
C PHE A 338 23.55 31.59 -7.28
N SER A 339 23.35 32.89 -7.29
CA SER A 339 22.53 33.48 -6.30
C SER A 339 21.03 33.17 -6.39
N PHE A 340 20.50 32.85 -7.58
CA PHE A 340 19.08 32.53 -7.68
C PHE A 340 18.74 31.38 -6.75
N ILE A 341 19.75 30.58 -6.45
CA ILE A 341 19.57 29.42 -5.62
C ILE A 341 18.96 29.78 -4.29
N ILE A 342 19.53 30.81 -3.69
CA ILE A 342 19.07 31.33 -2.43
C ILE A 342 17.56 31.54 -2.40
N LYS A 343 16.95 31.99 -3.51
CA LYS A 343 15.50 32.19 -3.53
C LYS A 343 14.68 30.92 -3.69
N GLN A 344 15.34 29.76 -3.71
CA GLN A 344 14.65 28.49 -3.87
C GLN A 344 14.26 27.84 -2.54
N ASN A 345 13.24 26.97 -2.59
CA ASN A 345 12.70 26.34 -1.40
C ASN A 345 12.71 24.85 -1.40
N GLY A 346 12.95 24.30 -0.23
CA GLY A 346 12.92 22.87 -0.10
C GLY A 346 14.28 22.24 -0.26
N MET A 347 14.26 20.96 -0.53
CA MET A 347 15.48 20.21 -0.68
C MET A 347 16.17 20.34 -2.04
N PHE A 348 15.35 20.54 -3.06
CA PHE A 348 15.72 20.60 -4.46
C PHE A 348 16.10 21.96 -5.03
N SER A 349 17.14 21.94 -5.84
CA SER A 349 17.57 23.14 -6.52
C SER A 349 17.88 22.82 -7.98
N PHE A 350 17.32 23.60 -8.93
CA PHE A 350 17.64 23.37 -10.35
C PHE A 350 18.85 24.29 -10.55
N SER A 351 20.01 23.66 -10.46
CA SER A 351 21.33 24.28 -10.51
C SER A 351 21.63 25.05 -11.76
N GLY A 352 21.07 24.56 -12.86
CA GLY A 352 21.29 25.13 -14.18
C GLY A 352 22.03 24.14 -15.11
N LEU A 353 22.68 23.14 -14.51
CA LEU A 353 23.44 22.12 -15.22
C LEU A 353 22.71 21.56 -16.43
N THR A 354 23.50 21.07 -17.38
CA THR A 354 23.04 20.47 -18.62
C THR A 354 23.20 18.95 -18.57
N LYS A 355 22.34 18.25 -19.29
CA LYS A 355 22.34 16.79 -19.38
C LYS A 355 23.74 16.20 -19.49
N GLU A 356 24.59 16.86 -20.22
CA GLU A 356 25.93 16.37 -20.37
C GLU A 356 26.75 16.65 -19.12
N GLN A 357 26.59 17.85 -18.56
CA GLN A 357 27.29 18.28 -17.34
C GLN A 357 27.08 17.28 -16.22
N VAL A 358 25.83 16.86 -16.12
CA VAL A 358 25.38 15.89 -15.15
C VAL A 358 26.15 14.59 -15.36
N LEU A 359 26.16 14.09 -16.58
CA LEU A 359 26.88 12.88 -16.91
C LEU A 359 28.33 13.01 -16.49
N ARG A 360 28.92 14.10 -16.93
CA ARG A 360 30.28 14.37 -16.60
C ARG A 360 30.51 14.34 -15.10
N LEU A 361 29.70 15.12 -14.35
CA LEU A 361 29.82 15.20 -12.89
C LEU A 361 29.94 13.84 -12.26
N ARG A 362 29.08 12.97 -12.71
CA ARG A 362 29.09 11.67 -12.16
C ARG A 362 30.12 10.69 -12.71
N GLU A 363 30.54 10.87 -13.97
CA GLU A 363 31.52 9.97 -14.57
C GLU A 363 32.93 10.17 -14.09
N GLU A 364 33.36 11.42 -14.12
CA GLU A 364 34.69 11.84 -13.72
C GLU A 364 34.76 12.06 -12.26
N PHE A 365 33.74 12.80 -11.84
CA PHE A 365 33.67 13.18 -10.48
C PHE A 365 33.05 12.34 -9.42
N GLY A 366 32.06 11.51 -9.68
CA GLY A 366 31.54 10.79 -8.54
C GLY A 366 30.37 11.53 -7.87
N VAL A 367 30.03 12.71 -8.42
CA VAL A 367 28.91 13.50 -7.93
C VAL A 367 27.64 13.14 -8.69
N TYR A 368 26.66 12.63 -7.96
CA TYR A 368 25.40 12.19 -8.51
C TYR A 368 24.24 13.15 -8.32
N ALA A 369 23.86 13.88 -9.38
CA ALA A 369 22.72 14.76 -9.37
C ALA A 369 21.56 14.00 -9.97
N VAL A 370 20.42 14.65 -10.05
CA VAL A 370 19.21 14.04 -10.60
C VAL A 370 19.27 14.16 -12.12
N ALA A 371 18.73 13.13 -12.81
CA ALA A 371 18.65 13.07 -14.26
C ALA A 371 18.19 14.42 -14.76
N SER A 372 17.14 14.94 -14.12
CA SER A 372 16.58 16.23 -14.46
C SER A 372 17.54 17.38 -14.35
N GLY A 373 18.65 17.23 -13.65
CA GLY A 373 19.54 18.38 -13.54
C GLY A 373 19.50 19.05 -12.16
N ALA A 374 18.58 18.61 -11.31
CA ALA A 374 18.47 19.18 -9.97
C ALA A 374 19.40 18.51 -8.95
N VAL A 375 19.75 19.25 -7.91
CA VAL A 375 20.56 18.75 -6.82
C VAL A 375 19.76 18.88 -5.53
N ASN A 376 19.99 17.93 -4.63
CA ASN A 376 19.35 17.89 -3.32
C ASN A 376 20.26 18.59 -2.30
N VAL A 377 19.90 19.82 -1.97
CA VAL A 377 20.68 20.58 -1.04
C VAL A 377 20.87 19.85 0.29
N ALA A 378 19.93 18.99 0.63
CA ALA A 378 19.98 18.24 1.88
C ALA A 378 21.04 17.17 1.98
N GLY A 379 21.70 16.87 0.86
CA GLY A 379 22.74 15.86 0.84
C GLY A 379 24.10 16.51 0.95
N MET A 380 24.06 17.84 1.02
CA MET A 380 25.26 18.62 1.14
C MET A 380 25.59 18.76 2.60
N THR A 381 26.86 18.76 2.88
CA THR A 381 27.33 18.90 4.22
C THR A 381 28.57 19.75 4.21
N PRO A 382 28.82 20.44 5.32
CA PRO A 382 29.97 21.31 5.43
C PRO A 382 31.23 20.56 5.04
N ASP A 383 31.18 19.27 5.23
CA ASP A 383 32.29 18.45 4.89
C ASP A 383 32.46 18.20 3.40
N ASN A 384 31.35 17.87 2.74
CA ASN A 384 31.35 17.55 1.31
C ASN A 384 31.22 18.74 0.37
N MET A 385 30.96 19.93 0.90
CA MET A 385 30.82 21.09 0.05
C MET A 385 32.00 21.40 -0.86
N ALA A 386 33.24 21.45 -0.35
CA ALA A 386 34.41 21.81 -1.18
C ALA A 386 34.55 20.96 -2.43
N PRO A 387 34.75 19.68 -2.19
CA PRO A 387 34.89 18.69 -3.25
C PRO A 387 33.75 18.78 -4.24
N LEU A 388 32.57 18.95 -3.71
CA LEU A 388 31.40 19.03 -4.53
C LEU A 388 31.40 20.28 -5.35
N CYS A 389 31.91 21.35 -4.76
CA CYS A 389 31.96 22.64 -5.44
C CYS A 389 33.06 22.71 -6.48
N GLU A 390 34.16 22.00 -6.25
CA GLU A 390 35.22 21.99 -7.22
C GLU A 390 34.67 21.37 -8.50
N ALA A 391 34.11 20.17 -8.35
CA ALA A 391 33.53 19.43 -9.44
C ALA A 391 32.53 20.22 -10.25
N ILE A 392 31.62 20.92 -9.59
CA ILE A 392 30.69 21.67 -10.41
C ILE A 392 31.32 22.78 -11.22
N VAL A 393 32.30 23.45 -10.63
CA VAL A 393 33.00 24.48 -11.36
C VAL A 393 33.69 23.85 -12.57
N ALA A 394 34.37 22.74 -12.32
CA ALA A 394 35.08 22.02 -13.36
C ALA A 394 34.18 21.66 -14.53
N VAL A 395 32.89 21.89 -14.47
CA VAL A 395 32.12 21.51 -15.62
C VAL A 395 31.31 22.63 -16.23
N LEU A 396 31.44 23.83 -15.66
CA LEU A 396 30.68 24.95 -16.14
C LEU A 396 31.16 25.49 -17.48
N MET B 1 -17.69 18.15 -10.94
CA MET B 1 -17.21 16.82 -11.26
C MET B 1 -17.79 15.77 -10.35
N PHE B 2 -18.08 16.13 -9.12
CA PHE B 2 -18.54 15.08 -8.26
C PHE B 2 -20.04 14.94 -8.13
N GLU B 3 -20.73 16.00 -8.53
CA GLU B 3 -22.18 16.10 -8.48
C GLU B 3 -23.00 14.87 -8.76
N ASN B 4 -22.61 14.05 -9.69
CA ASN B 4 -23.50 12.94 -9.94
C ASN B 4 -22.88 11.61 -9.62
N ILE B 5 -21.81 11.62 -8.85
CA ILE B 5 -21.20 10.34 -8.53
C ILE B 5 -22.20 9.45 -7.83
N THR B 6 -22.21 8.18 -8.18
CA THR B 6 -23.13 7.28 -7.53
C THR B 6 -22.45 6.56 -6.37
N ALA B 7 -23.14 6.54 -5.23
CA ALA B 7 -22.66 5.91 -4.00
C ALA B 7 -22.30 4.48 -4.22
N ALA B 8 -21.17 4.08 -3.67
CA ALA B 8 -20.77 2.70 -3.82
C ALA B 8 -21.52 1.76 -2.90
N PRO B 9 -21.87 0.61 -3.45
CA PRO B 9 -22.53 -0.40 -2.67
C PRO B 9 -21.63 -0.79 -1.53
N ALA B 10 -22.23 -1.30 -0.48
CA ALA B 10 -21.46 -1.73 0.65
C ALA B 10 -20.73 -3.01 0.33
N ASP B 11 -19.58 -3.14 0.94
CA ASP B 11 -18.76 -4.29 0.76
C ASP B 11 -19.39 -5.45 1.49
N PRO B 12 -19.48 -6.63 0.87
CA PRO B 12 -20.11 -7.76 1.54
C PRO B 12 -19.53 -8.09 2.91
N ILE B 13 -18.23 -7.91 3.11
CA ILE B 13 -17.58 -8.23 4.39
C ILE B 13 -17.51 -7.07 5.35
N LEU B 14 -16.82 -6.05 4.89
CA LEU B 14 -16.62 -4.84 5.65
C LEU B 14 -17.97 -4.18 5.95
N GLY B 15 -18.88 -4.32 5.01
CA GLY B 15 -20.20 -3.73 5.18
C GLY B 15 -20.98 -4.32 6.36
N LEU B 16 -20.87 -5.64 6.57
CA LEU B 16 -21.59 -6.25 7.65
C LEU B 16 -21.02 -5.88 9.00
N ALA B 17 -19.69 -5.83 9.03
CA ALA B 17 -18.96 -5.51 10.24
C ALA B 17 -19.40 -4.20 10.85
N ASP B 18 -19.74 -3.27 9.98
CA ASP B 18 -20.15 -1.94 10.37
C ASP B 18 -21.57 -1.95 10.86
N LEU B 19 -22.33 -2.80 10.24
CA LEU B 19 -23.70 -2.95 10.59
C LEU B 19 -23.80 -3.53 11.99
N PHE B 20 -22.86 -4.41 12.25
CA PHE B 20 -22.77 -5.10 13.51
C PHE B 20 -22.28 -4.17 14.58
N ARG B 21 -21.53 -3.17 14.16
CA ARG B 21 -20.99 -2.21 15.08
C ARG B 21 -22.01 -1.19 15.59
N ALA B 22 -23.08 -0.98 14.84
CA ALA B 22 -24.11 -0.02 15.22
C ALA B 22 -25.36 -0.63 15.89
N ASP B 23 -25.13 -1.61 16.79
CA ASP B 23 -26.14 -2.33 17.59
C ASP B 23 -25.51 -2.91 18.86
N GLU B 24 -25.87 -2.31 20.01
CA GLU B 24 -25.37 -2.69 21.33
C GLU B 24 -26.40 -3.47 22.08
N ARG B 25 -26.74 -4.59 21.51
CA ARG B 25 -27.65 -5.43 22.16
C ARG B 25 -26.75 -6.37 22.92
N PRO B 26 -27.30 -7.02 23.92
CA PRO B 26 -26.56 -7.92 24.79
C PRO B 26 -25.63 -8.94 24.15
N GLY B 27 -26.19 -10.15 24.12
CA GLY B 27 -25.54 -11.35 23.62
C GLY B 27 -25.45 -11.36 22.12
N LYS B 28 -24.66 -10.43 21.64
CA LYS B 28 -24.44 -10.22 20.23
C LYS B 28 -23.21 -10.95 19.75
N ILE B 29 -23.40 -11.97 18.93
CA ILE B 29 -22.26 -12.71 18.42
C ILE B 29 -21.82 -12.25 17.03
N ASN B 30 -20.49 -12.15 16.85
CA ASN B 30 -19.89 -11.74 15.57
C ASN B 30 -18.98 -12.77 14.94
N LEU B 31 -19.56 -13.51 14.00
CA LEU B 31 -18.90 -14.57 13.29
C LEU B 31 -18.64 -14.29 11.80
N GLY B 32 -18.76 -13.06 11.31
CA GLY B 32 -18.62 -12.83 9.87
C GLY B 32 -17.39 -12.14 9.31
N ILE B 33 -16.33 -12.02 10.06
CA ILE B 33 -15.12 -11.41 9.53
C ILE B 33 -14.03 -12.41 9.81
N GLY B 34 -13.10 -12.59 8.90
CA GLY B 34 -12.11 -13.63 9.06
C GLY B 34 -10.84 -13.34 9.85
N VAL B 35 -11.00 -12.74 11.02
CA VAL B 35 -9.93 -12.41 11.92
C VAL B 35 -9.91 -13.44 13.07
N TYR B 36 -8.75 -13.76 13.59
CA TYR B 36 -8.66 -14.72 14.69
C TYR B 36 -9.01 -14.05 16.01
N LYS B 37 -9.77 -14.77 16.89
CA LYS B 37 -10.15 -14.25 18.21
C LYS B 37 -9.70 -15.24 19.30
N ASP B 38 -9.30 -14.79 20.48
CA ASP B 38 -8.93 -15.78 21.50
C ASP B 38 -10.12 -16.17 22.36
N GLU B 39 -9.84 -16.97 23.40
CA GLU B 39 -10.92 -17.39 24.27
C GLU B 39 -11.61 -16.25 24.97
N THR B 40 -10.93 -15.13 25.02
CA THR B 40 -11.46 -13.93 25.62
C THR B 40 -12.23 -13.12 24.58
N GLY B 41 -12.25 -13.63 23.36
CA GLY B 41 -12.95 -12.93 22.29
C GLY B 41 -12.18 -11.70 21.82
N LYS B 42 -10.86 -11.78 21.94
CA LYS B 42 -10.00 -10.68 21.52
C LYS B 42 -8.96 -11.12 20.48
N THR B 43 -8.40 -10.11 19.78
CA THR B 43 -7.38 -10.27 18.75
C THR B 43 -6.12 -9.59 19.24
N PRO B 44 -5.38 -10.39 19.94
CA PRO B 44 -4.17 -9.94 20.57
C PRO B 44 -2.96 -9.89 19.67
N VAL B 45 -2.02 -9.13 20.18
CA VAL B 45 -0.73 -9.01 19.61
C VAL B 45 0.13 -10.16 20.12
N LEU B 46 0.68 -10.96 19.22
CA LEU B 46 1.51 -12.10 19.60
C LEU B 46 2.67 -11.59 20.47
N THR B 47 3.22 -12.49 21.31
CA THR B 47 4.35 -12.10 22.15
C THR B 47 5.64 -12.03 21.38
N SER B 48 5.74 -12.90 20.37
CA SER B 48 6.90 -12.90 19.48
C SER B 48 6.96 -11.55 18.76
N VAL B 49 5.79 -11.09 18.28
CA VAL B 49 5.70 -9.80 17.63
C VAL B 49 6.13 -8.68 18.58
N LYS B 50 5.56 -8.69 19.80
CA LYS B 50 5.89 -7.68 20.82
C LYS B 50 7.37 -7.73 21.05
N LYS B 51 7.92 -8.94 21.15
CA LYS B 51 9.36 -9.06 21.34
C LYS B 51 10.14 -8.46 20.18
N ALA B 52 9.69 -8.74 18.96
CA ALA B 52 10.35 -8.22 17.79
C ALA B 52 10.26 -6.70 17.72
N GLU B 53 9.09 -6.13 18.04
CA GLU B 53 8.93 -4.69 17.99
C GLU B 53 9.82 -3.89 18.93
N GLN B 54 10.35 -4.55 19.93
CA GLN B 54 11.19 -3.88 20.88
C GLN B 54 12.60 -3.75 20.35
N TYR B 55 13.00 -4.88 19.80
CA TYR B 55 14.23 -5.06 19.16
C TYR B 55 14.37 -3.93 18.13
N LEU B 56 13.38 -3.86 17.25
CA LEU B 56 13.30 -2.83 16.21
C LEU B 56 13.45 -1.45 16.78
N LEU B 57 12.74 -1.19 17.88
CA LEU B 57 12.73 0.09 18.57
C LEU B 57 14.11 0.44 19.11
N GLU B 58 14.79 -0.60 19.55
CA GLU B 58 16.11 -0.50 20.08
C GLU B 58 17.18 -0.40 18.98
N ASN B 59 16.97 -1.07 17.83
CA ASN B 59 17.98 -1.08 16.77
C ASN B 59 17.85 -0.13 15.59
N GLU B 60 16.64 0.17 15.18
CA GLU B 60 16.43 1.02 14.02
C GLU B 60 17.14 2.32 14.13
N THR B 61 17.89 2.65 13.09
CA THR B 61 18.60 3.90 13.03
C THR B 61 18.14 4.80 11.87
N THR B 62 17.18 4.33 11.10
CA THR B 62 16.69 5.15 10.01
C THR B 62 15.39 4.60 9.50
N LYS B 63 14.59 5.50 8.93
CA LYS B 63 13.31 5.16 8.32
C LYS B 63 13.34 5.42 6.81
N ASN B 64 14.56 5.37 6.27
CA ASN B 64 14.82 5.58 4.87
C ASN B 64 14.23 4.47 4.03
N TYR B 65 13.70 4.87 2.89
CA TYR B 65 13.04 3.99 1.96
C TYR B 65 13.65 2.62 1.78
N LEU B 66 12.75 1.65 1.64
CA LEU B 66 13.10 0.31 1.33
C LEU B 66 13.11 0.32 -0.22
N GLY B 67 13.73 -0.67 -0.86
CA GLY B 67 13.71 -0.72 -2.31
C GLY B 67 12.33 -1.17 -2.70
N ILE B 68 11.94 -0.99 -3.96
CA ILE B 68 10.62 -1.36 -4.44
C ILE B 68 10.14 -2.72 -3.99
N ASP B 69 11.05 -3.65 -3.90
CA ASP B 69 10.62 -4.98 -3.53
C ASP B 69 10.69 -5.27 -2.03
N GLY B 70 11.13 -4.30 -1.23
CA GLY B 70 11.20 -4.46 0.22
C GLY B 70 12.47 -5.08 0.76
N ILE B 71 12.32 -5.75 1.89
CA ILE B 71 13.41 -6.39 2.64
C ILE B 71 13.82 -7.71 2.05
N PRO B 72 15.11 -7.84 1.70
CA PRO B 72 15.63 -9.07 1.14
C PRO B 72 15.39 -10.31 1.98
N GLU B 73 15.71 -10.20 3.27
CA GLU B 73 15.55 -11.28 4.21
C GLU B 73 14.12 -11.76 4.19
N PHE B 74 13.22 -10.77 4.12
CA PHE B 74 11.79 -11.01 4.09
C PHE B 74 11.43 -11.94 2.92
N GLY B 75 12.03 -11.64 1.76
CA GLY B 75 11.82 -12.40 0.54
C GLY B 75 12.33 -13.85 0.66
N ARG B 76 13.55 -14.02 1.10
CA ARG B 76 14.07 -15.36 1.25
C ARG B 76 13.26 -16.21 2.20
N CYS B 77 12.89 -15.59 3.33
CA CYS B 77 12.11 -16.25 4.37
C CYS B 77 10.81 -16.72 3.82
N THR B 78 10.14 -15.82 3.10
CA THR B 78 8.87 -16.12 2.48
C THR B 78 9.01 -17.32 1.52
N GLN B 79 10.01 -17.24 0.66
CA GLN B 79 10.28 -18.29 -0.30
C GLN B 79 10.48 -19.63 0.40
N GLU B 80 11.26 -19.66 1.47
CA GLU B 80 11.46 -20.91 2.17
C GLU B 80 10.21 -21.47 2.77
N LEU B 81 9.34 -20.58 3.24
CA LEU B 81 8.07 -20.98 3.84
C LEU B 81 7.19 -21.63 2.77
N LEU B 82 7.17 -20.93 1.66
CA LEU B 82 6.41 -21.29 0.50
C LEU B 82 6.85 -22.60 -0.11
N PHE B 83 8.14 -22.68 -0.50
CA PHE B 83 8.71 -23.83 -1.21
C PHE B 83 9.51 -24.88 -0.47
N GLY B 84 10.11 -24.54 0.65
CA GLY B 84 10.90 -25.54 1.35
C GLY B 84 12.33 -25.12 1.36
N LYS B 85 13.05 -25.50 2.40
CA LYS B 85 14.44 -25.14 2.55
C LYS B 85 15.32 -25.53 1.35
N GLY B 86 15.12 -26.73 0.82
CA GLY B 86 15.97 -27.14 -0.29
C GLY B 86 15.33 -27.09 -1.66
N SER B 87 14.36 -26.21 -1.83
CA SER B 87 13.70 -26.14 -3.10
C SER B 87 14.63 -25.85 -4.26
N ALA B 88 14.28 -26.45 -5.38
CA ALA B 88 15.02 -26.23 -6.58
C ALA B 88 14.73 -24.83 -7.11
N LEU B 89 13.46 -24.37 -6.99
CA LEU B 89 13.12 -23.04 -7.47
C LEU B 89 14.02 -22.06 -6.80
N ILE B 90 14.43 -22.45 -5.62
CA ILE B 90 15.26 -21.55 -4.90
C ILE B 90 16.68 -21.64 -5.36
N ASN B 91 17.14 -22.87 -5.49
CA ASN B 91 18.52 -23.03 -5.92
C ASN B 91 18.73 -22.46 -7.31
N ASP B 92 17.84 -22.80 -8.23
CA ASP B 92 17.91 -22.34 -9.59
C ASP B 92 17.66 -20.84 -9.68
N LYS B 93 17.38 -20.20 -8.54
CA LYS B 93 17.11 -18.77 -8.52
C LYS B 93 16.04 -18.41 -9.54
N ARG B 94 15.01 -19.22 -9.52
CA ARG B 94 13.90 -19.17 -10.44
C ARG B 94 12.67 -18.38 -9.95
N ALA B 95 12.74 -17.82 -8.73
CA ALA B 95 11.65 -17.07 -8.11
C ALA B 95 12.10 -15.73 -7.56
N ARG B 96 11.24 -14.73 -7.69
CA ARG B 96 11.52 -13.38 -7.20
C ARG B 96 10.33 -12.94 -6.35
N THR B 97 10.59 -12.35 -5.17
CA THR B 97 9.51 -11.94 -4.29
C THR B 97 9.42 -10.47 -4.01
N ALA B 98 8.23 -9.89 -4.12
CA ALA B 98 8.09 -8.49 -3.77
C ALA B 98 7.28 -8.43 -2.47
N GLN B 99 7.74 -7.61 -1.53
CA GLN B 99 7.06 -7.38 -0.27
C GLN B 99 5.94 -6.40 -0.58
N THR B 100 4.71 -6.75 -0.25
CA THR B 100 3.58 -5.90 -0.59
C THR B 100 2.75 -5.53 0.63
N PRO B 101 1.81 -4.59 0.46
CA PRO B 101 0.94 -4.23 1.57
C PRO B 101 -0.17 -5.25 1.75
N GLY B 102 0.15 -6.35 2.42
CA GLY B 102 -0.85 -7.38 2.68
C GLY B 102 -1.13 -8.24 1.48
N GLY B 103 -1.88 -9.32 1.68
CA GLY B 103 -2.22 -10.24 0.61
C GLY B 103 -3.04 -9.58 -0.50
N THR B 104 -3.89 -8.64 -0.17
CA THR B 104 -4.69 -7.96 -1.16
C THR B 104 -3.74 -7.20 -2.07
N GLY B 105 -2.70 -6.65 -1.45
CA GLY B 105 -1.73 -5.87 -2.17
C GLY B 105 -0.98 -6.71 -3.21
N ALA B 106 -0.65 -7.94 -2.84
CA ALA B 106 0.05 -8.87 -3.71
C ALA B 106 -0.80 -9.28 -4.91
N LEU B 107 -2.06 -9.53 -4.61
CA LEU B 107 -3.00 -9.91 -5.60
C LEU B 107 -3.12 -8.78 -6.61
N ARG B 108 -3.19 -7.54 -6.11
CA ARG B 108 -3.35 -6.40 -6.99
C ARG B 108 -2.13 -6.18 -7.80
N VAL B 109 -0.96 -6.39 -7.19
CA VAL B 109 0.21 -6.23 -7.99
C VAL B 109 0.32 -7.31 -9.06
N ALA B 110 -0.04 -8.53 -8.72
CA ALA B 110 -0.01 -9.59 -9.71
C ALA B 110 -0.93 -9.25 -10.86
N ALA B 111 -2.08 -8.70 -10.51
CA ALA B 111 -3.11 -8.32 -11.45
C ALA B 111 -2.68 -7.24 -12.42
N ASP B 112 -2.08 -6.19 -11.92
CA ASP B 112 -1.64 -5.11 -12.78
C ASP B 112 -0.56 -5.59 -13.73
N PHE B 113 0.32 -6.41 -13.18
CA PHE B 113 1.43 -6.96 -13.92
C PHE B 113 0.96 -7.79 -15.09
N LEU B 114 0.05 -8.69 -14.80
CA LEU B 114 -0.54 -9.58 -15.77
C LEU B 114 -1.24 -8.76 -16.84
N ALA B 115 -2.07 -7.81 -16.42
CA ALA B 115 -2.82 -7.02 -17.36
C ALA B 115 -2.00 -6.19 -18.35
N LYS B 116 -0.89 -5.65 -17.87
CA LYS B 116 -0.03 -4.79 -18.67
C LYS B 116 1.08 -5.49 -19.42
N ASN B 117 1.46 -6.70 -19.07
CA ASN B 117 2.60 -7.28 -19.75
C ASN B 117 2.29 -8.66 -20.20
N THR B 118 1.05 -8.93 -20.43
CA THR B 118 0.78 -10.29 -20.78
C THR B 118 -0.48 -10.39 -21.58
N SER B 119 -0.76 -11.58 -22.12
CA SER B 119 -1.95 -11.80 -22.90
C SER B 119 -3.15 -12.28 -22.08
N VAL B 120 -2.98 -12.33 -20.76
CA VAL B 120 -4.04 -12.74 -19.86
C VAL B 120 -5.25 -11.82 -19.97
N LYS B 121 -6.42 -12.43 -20.12
CA LYS B 121 -7.64 -11.66 -20.25
C LYS B 121 -8.65 -12.06 -19.19
N ARG B 122 -8.48 -13.30 -18.69
CA ARG B 122 -9.36 -13.89 -17.71
C ARG B 122 -8.73 -14.60 -16.55
N VAL B 123 -9.43 -14.46 -15.44
CA VAL B 123 -9.08 -15.17 -14.24
C VAL B 123 -10.27 -15.96 -13.75
N TRP B 124 -9.98 -17.21 -13.47
CA TRP B 124 -10.94 -18.16 -12.98
C TRP B 124 -10.83 -18.31 -11.46
N VAL B 125 -11.91 -17.97 -10.76
CA VAL B 125 -11.99 -18.08 -9.31
C VAL B 125 -13.10 -19.07 -8.97
N SER B 126 -12.99 -19.67 -7.79
CA SER B 126 -13.96 -20.64 -7.34
C SER B 126 -15.27 -20.01 -6.94
N ASN B 127 -16.29 -20.85 -6.97
CA ASN B 127 -17.58 -20.43 -6.56
C ASN B 127 -18.02 -21.33 -5.41
N PRO B 128 -18.06 -20.75 -4.20
CA PRO B 128 -17.80 -19.35 -3.97
C PRO B 128 -16.35 -19.08 -3.64
N SER B 129 -16.00 -17.81 -3.44
CA SER B 129 -14.63 -17.41 -3.07
C SER B 129 -14.71 -16.14 -2.23
N TRP B 130 -13.60 -15.65 -1.75
CA TRP B 130 -13.58 -14.41 -1.02
C TRP B 130 -14.07 -13.33 -1.97
N PRO B 131 -15.16 -12.64 -1.69
CA PRO B 131 -15.63 -11.65 -2.63
C PRO B 131 -14.67 -10.57 -3.11
N ASN B 132 -13.63 -10.26 -2.35
CA ASN B 132 -12.74 -9.21 -2.84
C ASN B 132 -11.93 -9.61 -4.08
N HIS B 133 -11.86 -10.91 -4.38
CA HIS B 133 -11.11 -11.43 -5.52
C HIS B 133 -11.58 -10.79 -6.84
N LYS B 134 -12.87 -10.93 -7.11
CA LYS B 134 -13.48 -10.38 -8.29
C LYS B 134 -13.18 -8.88 -8.41
N SER B 135 -13.19 -8.19 -7.28
CA SER B 135 -12.92 -6.75 -7.27
C SER B 135 -11.50 -6.36 -7.62
N VAL B 136 -10.51 -7.06 -7.05
CA VAL B 136 -9.17 -6.67 -7.40
C VAL B 136 -8.89 -6.90 -8.88
N PHE B 137 -9.26 -8.08 -9.37
CA PHE B 137 -9.06 -8.45 -10.78
C PHE B 137 -9.79 -7.51 -11.73
N ASN B 138 -11.08 -7.27 -11.49
CA ASN B 138 -11.81 -6.38 -12.36
C ASN B 138 -11.22 -4.99 -12.34
N SER B 139 -10.60 -4.63 -11.23
CA SER B 139 -10.04 -3.30 -11.15
C SER B 139 -8.86 -3.15 -12.08
N ALA B 140 -8.19 -4.27 -12.34
CA ALA B 140 -7.02 -4.29 -13.22
C ALA B 140 -7.40 -4.50 -14.69
N GLY B 141 -8.70 -4.60 -14.95
CA GLY B 141 -9.19 -4.78 -16.30
C GLY B 141 -9.39 -6.22 -16.70
N LEU B 142 -9.01 -7.18 -15.85
CA LEU B 142 -9.16 -8.59 -16.17
C LEU B 142 -10.60 -9.09 -15.97
N GLU B 143 -11.01 -10.14 -16.68
CA GLU B 143 -12.34 -10.66 -16.45
C GLU B 143 -12.29 -11.88 -15.56
N VAL B 144 -13.34 -12.13 -14.79
CA VAL B 144 -13.28 -13.27 -13.91
C VAL B 144 -14.40 -14.22 -14.20
N ARG B 145 -14.06 -15.50 -14.25
CA ARG B 145 -15.01 -16.56 -14.50
C ARG B 145 -14.99 -17.46 -13.27
N GLU B 146 -16.05 -18.22 -13.06
CA GLU B 146 -16.09 -19.08 -11.90
C GLU B 146 -16.21 -20.55 -12.20
N TYR B 147 -15.49 -21.34 -11.41
CA TYR B 147 -15.57 -22.76 -11.52
C TYR B 147 -16.29 -23.30 -10.31
N ALA B 148 -17.00 -24.39 -10.50
CA ALA B 148 -17.74 -25.06 -9.44
C ALA B 148 -16.74 -25.61 -8.46
N TYR B 149 -17.14 -25.73 -7.20
CA TYR B 149 -16.20 -26.19 -6.21
C TYR B 149 -16.85 -26.98 -5.10
N TYR B 150 -17.90 -26.36 -4.65
CA TYR B 150 -18.66 -26.80 -3.53
C TYR B 150 -19.90 -27.62 -3.84
N ASP B 151 -20.02 -28.74 -3.11
CA ASP B 151 -21.16 -29.63 -3.24
C ASP B 151 -22.15 -29.38 -2.11
N ALA B 152 -23.07 -28.41 -2.34
CA ALA B 152 -24.10 -27.97 -1.40
C ALA B 152 -24.82 -29.14 -0.75
N GLU B 153 -25.01 -30.15 -1.54
CA GLU B 153 -25.71 -31.34 -1.12
C GLU B 153 -24.92 -32.18 -0.15
N ASN B 154 -23.62 -32.34 -0.39
CA ASN B 154 -22.81 -33.19 0.47
C ASN B 154 -21.74 -32.51 1.28
N HIS B 155 -21.69 -31.19 1.22
CA HIS B 155 -20.69 -30.44 1.96
C HIS B 155 -19.28 -30.88 1.71
N THR B 156 -18.94 -30.98 0.44
CA THR B 156 -17.61 -31.34 0.01
C THR B 156 -17.23 -30.55 -1.20
N LEU B 157 -16.08 -30.96 -1.71
CA LEU B 157 -15.47 -30.43 -2.90
C LEU B 157 -16.03 -31.22 -4.09
N ASP B 158 -16.75 -30.56 -5.00
CA ASP B 158 -17.29 -31.25 -6.17
C ASP B 158 -16.20 -31.36 -7.24
N PHE B 159 -15.37 -32.40 -7.08
CA PHE B 159 -14.24 -32.64 -7.96
C PHE B 159 -14.56 -32.77 -9.45
N ASP B 160 -15.67 -33.43 -9.75
CA ASP B 160 -16.09 -33.60 -11.12
C ASP B 160 -16.57 -32.30 -11.69
N ALA B 161 -17.50 -31.70 -10.96
CA ALA B 161 -18.03 -30.45 -11.40
C ALA B 161 -16.91 -29.44 -11.56
N LEU B 162 -15.93 -29.50 -10.65
CA LEU B 162 -14.83 -28.55 -10.72
C LEU B 162 -14.01 -28.74 -12.00
N ILE B 163 -13.54 -29.96 -12.18
CA ILE B 163 -12.79 -30.27 -13.35
C ILE B 163 -13.66 -30.01 -14.56
N ASN B 164 -14.91 -30.38 -14.46
CA ASN B 164 -15.81 -30.19 -15.58
C ASN B 164 -16.02 -28.74 -15.94
N SER B 165 -15.88 -27.84 -14.99
CA SER B 165 -16.10 -26.46 -15.35
C SER B 165 -14.82 -25.83 -15.85
N LEU B 166 -13.73 -26.36 -15.36
CA LEU B 166 -12.43 -25.84 -15.71
C LEU B 166 -12.08 -26.09 -17.16
N ASN B 167 -12.75 -27.07 -17.72
CA ASN B 167 -12.56 -27.42 -19.10
C ASN B 167 -12.87 -26.28 -20.04
N GLU B 168 -13.72 -25.37 -19.61
CA GLU B 168 -14.07 -24.27 -20.45
C GLU B 168 -12.98 -23.23 -20.43
N ALA B 169 -11.98 -23.48 -19.59
CA ALA B 169 -10.88 -22.55 -19.47
C ALA B 169 -9.83 -22.78 -20.54
N GLN B 170 -9.35 -21.71 -21.16
CA GLN B 170 -8.36 -21.89 -22.19
C GLN B 170 -6.93 -21.76 -21.72
N ALA B 171 -6.05 -22.06 -22.65
CA ALA B 171 -4.64 -21.96 -22.47
C ALA B 171 -4.29 -20.49 -22.31
N GLY B 172 -3.48 -20.14 -21.32
CA GLY B 172 -3.12 -18.76 -21.13
C GLY B 172 -4.07 -18.01 -20.20
N ASP B 173 -5.04 -18.76 -19.67
CA ASP B 173 -5.98 -18.22 -18.70
C ASP B 173 -5.36 -18.39 -17.33
N VAL B 174 -5.72 -17.52 -16.40
CA VAL B 174 -5.21 -17.64 -15.04
C VAL B 174 -6.25 -18.37 -14.20
N VAL B 175 -5.83 -19.42 -13.47
CA VAL B 175 -6.76 -20.13 -12.61
C VAL B 175 -6.38 -19.83 -11.15
N LEU B 176 -7.28 -19.24 -10.38
CA LEU B 176 -6.93 -18.92 -9.01
C LEU B 176 -7.19 -20.06 -8.05
N PHE B 177 -6.20 -20.37 -7.21
CA PHE B 177 -6.33 -21.41 -6.22
C PHE B 177 -6.05 -20.88 -4.82
N HIS B 178 -6.87 -21.29 -3.83
CA HIS B 178 -6.67 -20.94 -2.43
C HIS B 178 -5.69 -21.99 -1.91
N GLY B 179 -4.51 -21.62 -1.44
CA GLY B 179 -3.52 -22.63 -1.01
C GLY B 179 -3.93 -23.65 0.06
N CYS B 180 -4.77 -23.22 0.99
CA CYS B 180 -5.25 -24.04 2.10
C CYS B 180 -6.30 -23.23 2.81
N CYS B 181 -7.19 -23.90 3.53
CA CYS B 181 -8.22 -23.17 4.25
C CYS B 181 -9.06 -22.34 3.33
N HIS B 182 -9.74 -22.96 2.37
CA HIS B 182 -10.57 -22.24 1.44
C HIS B 182 -11.49 -21.21 2.13
N ASN B 183 -11.59 -20.00 1.59
CA ASN B 183 -12.48 -18.99 2.12
C ASN B 183 -13.55 -18.81 1.07
N PRO B 184 -14.80 -19.03 1.42
CA PRO B 184 -15.31 -19.19 2.77
C PRO B 184 -15.77 -20.57 3.15
N THR B 185 -15.41 -21.53 2.37
CA THR B 185 -15.84 -22.88 2.54
C THR B 185 -15.09 -23.78 3.54
N GLY B 186 -13.81 -23.56 3.75
CA GLY B 186 -13.08 -24.43 4.65
C GLY B 186 -12.71 -25.77 3.99
N ILE B 187 -13.25 -26.00 2.79
CA ILE B 187 -13.00 -27.22 2.02
C ILE B 187 -11.77 -27.12 1.14
N ASP B 188 -10.76 -27.93 1.42
CA ASP B 188 -9.55 -27.93 0.66
C ASP B 188 -9.39 -29.28 -0.08
N PRO B 189 -8.61 -29.31 -1.16
CA PRO B 189 -8.42 -30.57 -1.87
C PRO B 189 -7.43 -31.43 -1.14
N THR B 190 -7.51 -32.73 -1.37
CA THR B 190 -6.55 -33.63 -0.75
C THR B 190 -5.26 -33.48 -1.55
N LEU B 191 -4.17 -34.14 -1.13
CA LEU B 191 -2.92 -34.08 -1.86
C LEU B 191 -3.08 -34.72 -3.25
N GLU B 192 -3.89 -35.79 -3.28
CA GLU B 192 -4.15 -36.50 -4.50
C GLU B 192 -4.88 -35.64 -5.51
N GLN B 193 -5.77 -34.80 -5.01
CA GLN B 193 -6.50 -33.94 -5.89
C GLN B 193 -5.62 -32.82 -6.38
N TRP B 194 -4.74 -32.37 -5.50
CA TRP B 194 -3.83 -31.31 -5.86
C TRP B 194 -2.99 -31.80 -7.01
N GLN B 195 -2.47 -33.01 -6.83
CA GLN B 195 -1.67 -33.68 -7.84
C GLN B 195 -2.41 -33.79 -9.16
N THR B 196 -3.69 -34.14 -9.09
CA THR B 196 -4.50 -34.23 -10.28
C THR B 196 -4.68 -32.86 -10.89
N LEU B 197 -4.89 -31.90 -10.02
CA LEU B 197 -5.07 -30.54 -10.41
C LEU B 197 -3.80 -29.98 -11.04
N ALA B 198 -2.65 -30.42 -10.54
CA ALA B 198 -1.38 -29.93 -11.02
C ALA B 198 -1.10 -30.36 -12.44
N GLN B 199 -1.26 -31.65 -12.67
CA GLN B 199 -1.04 -32.27 -13.95
C GLN B 199 -1.98 -31.77 -15.04
N LEU B 200 -3.25 -31.64 -14.72
CA LEU B 200 -4.19 -31.15 -15.71
C LEU B 200 -3.87 -29.72 -16.13
N SER B 201 -3.40 -28.95 -15.15
CA SER B 201 -3.06 -27.56 -15.35
C SER B 201 -1.91 -27.39 -16.35
N VAL B 202 -0.92 -28.27 -16.20
CA VAL B 202 0.24 -28.29 -17.06
C VAL B 202 -0.18 -28.54 -18.51
N GLU B 203 -0.91 -29.63 -18.72
CA GLU B 203 -1.36 -29.98 -20.05
C GLU B 203 -2.40 -29.08 -20.70
N LYS B 204 -3.16 -28.31 -19.91
CA LYS B 204 -4.20 -27.42 -20.43
C LYS B 204 -3.67 -25.99 -20.61
N GLY B 205 -2.46 -25.74 -20.11
CA GLY B 205 -1.80 -24.44 -20.20
C GLY B 205 -2.35 -23.35 -19.28
N TRP B 206 -2.97 -23.71 -18.15
CA TRP B 206 -3.45 -22.64 -17.29
C TRP B 206 -2.25 -21.98 -16.63
N LEU B 207 -2.40 -20.75 -16.15
CA LEU B 207 -1.31 -20.15 -15.38
C LEU B 207 -1.82 -20.17 -13.94
N PRO B 208 -1.13 -20.85 -13.03
CA PRO B 208 -1.64 -20.89 -11.68
C PRO B 208 -1.25 -19.69 -10.87
N LEU B 209 -2.23 -19.20 -10.13
CA LEU B 209 -2.12 -18.09 -9.21
C LEU B 209 -2.60 -18.60 -7.84
N PHE B 210 -1.68 -18.70 -6.88
CA PHE B 210 -2.08 -19.20 -5.59
C PHE B 210 -2.31 -18.08 -4.59
N ASP B 211 -3.44 -18.14 -3.93
CA ASP B 211 -3.78 -17.19 -2.88
C ASP B 211 -3.49 -17.93 -1.59
N PHE B 212 -2.51 -17.47 -0.87
CA PHE B 212 -2.14 -18.12 0.35
C PHE B 212 -2.25 -17.14 1.51
N ALA B 213 -3.41 -17.11 2.15
CA ALA B 213 -3.62 -16.19 3.23
C ALA B 213 -3.60 -16.77 4.65
N ARG B 214 -3.59 -18.08 4.81
CA ARG B 214 -3.63 -18.69 6.12
C ARG B 214 -2.71 -19.87 6.24
N GLN B 215 -1.50 -19.73 5.79
CA GLN B 215 -0.59 -20.84 5.88
C GLN B 215 -0.33 -21.15 7.36
N GLY B 216 -0.65 -22.37 7.79
CA GLY B 216 -0.43 -22.75 9.18
C GLY B 216 -1.71 -23.06 9.97
N PHE B 217 -2.86 -22.63 9.42
CA PHE B 217 -4.17 -22.81 10.04
C PHE B 217 -4.92 -24.07 9.67
N ALA B 218 -4.39 -24.86 8.77
CA ALA B 218 -5.09 -26.07 8.43
C ALA B 218 -4.50 -27.25 9.19
N ARG B 219 -3.28 -27.63 8.82
CA ARG B 219 -2.60 -28.74 9.46
C ARG B 219 -1.25 -28.32 10.00
N GLY B 220 -0.65 -27.32 9.37
CA GLY B 220 0.67 -26.84 9.76
C GLY B 220 1.38 -26.12 8.62
N LEU B 221 2.45 -25.42 8.96
CA LEU B 221 3.25 -24.64 8.03
C LEU B 221 3.57 -25.43 6.76
N GLU B 222 4.32 -26.51 6.91
CA GLU B 222 4.71 -27.32 5.76
C GLU B 222 3.56 -28.01 5.08
N GLU B 223 2.81 -28.77 5.88
CA GLU B 223 1.66 -29.52 5.40
C GLU B 223 0.76 -28.66 4.53
N ASP B 224 0.59 -27.42 4.95
CA ASP B 224 -0.26 -26.49 4.25
C ASP B 224 0.23 -26.11 2.85
N ALA B 225 1.57 -26.17 2.64
CA ALA B 225 2.23 -25.80 1.39
C ALA B 225 2.29 -26.95 0.36
N GLU B 226 1.90 -28.12 0.81
CA GLU B 226 1.90 -29.34 0.01
C GLU B 226 1.33 -29.15 -1.39
N GLY B 227 0.13 -28.60 -1.46
CA GLY B 227 -0.56 -28.37 -2.72
C GLY B 227 0.22 -27.43 -3.59
N LEU B 228 0.75 -26.37 -2.99
CA LEU B 228 1.56 -25.39 -3.71
C LEU B 228 2.79 -26.07 -4.28
N ARG B 229 3.39 -26.91 -3.47
CA ARG B 229 4.58 -27.66 -3.81
C ARG B 229 4.46 -28.66 -4.94
N ALA B 230 3.28 -29.25 -5.11
CA ALA B 230 2.99 -30.20 -6.18
C ALA B 230 2.97 -29.43 -7.51
N PHE B 231 2.25 -28.31 -7.52
CA PHE B 231 2.23 -27.49 -8.70
C PHE B 231 3.64 -27.05 -9.03
N ALA B 232 4.30 -26.41 -8.06
CA ALA B 232 5.66 -25.91 -8.24
C ALA B 232 6.60 -26.95 -8.83
N ALA B 233 6.36 -28.21 -8.50
CA ALA B 233 7.21 -29.27 -8.98
C ALA B 233 7.03 -29.51 -10.45
N MET B 234 6.08 -28.86 -11.09
CA MET B 234 5.99 -29.19 -12.47
C MET B 234 5.48 -28.11 -13.37
N HIS B 235 5.54 -26.90 -12.88
CA HIS B 235 5.13 -25.78 -13.66
C HIS B 235 6.37 -24.97 -13.88
N LYS B 236 6.41 -24.22 -14.97
CA LYS B 236 7.57 -23.40 -15.22
C LYS B 236 7.33 -22.06 -14.62
N GLU B 237 6.05 -21.70 -14.65
CA GLU B 237 5.59 -20.42 -14.19
C GLU B 237 4.41 -20.52 -13.24
N LEU B 238 4.34 -19.55 -12.35
CA LEU B 238 3.27 -19.46 -11.39
C LEU B 238 3.47 -18.25 -10.53
N ILE B 239 2.36 -17.77 -9.99
CA ILE B 239 2.34 -16.62 -9.12
C ILE B 239 1.75 -16.96 -7.75
N VAL B 240 2.41 -16.44 -6.70
CA VAL B 240 1.99 -16.64 -5.32
C VAL B 240 1.79 -15.32 -4.60
N ALA B 241 0.57 -15.18 -4.07
CA ALA B 241 0.16 -14.04 -3.29
C ALA B 241 -0.04 -14.53 -1.86
N SER B 242 0.84 -14.14 -0.97
CA SER B 242 0.70 -14.57 0.40
C SER B 242 0.51 -13.44 1.41
N SER B 243 -0.13 -13.81 2.51
CA SER B 243 -0.46 -12.91 3.60
C SER B 243 0.09 -13.40 4.91
N TYR B 244 0.51 -12.43 5.73
CA TYR B 244 1.03 -12.68 7.05
C TYR B 244 0.09 -12.04 8.05
N SER B 245 -1.09 -11.65 7.58
CA SER B 245 -2.10 -11.02 8.41
C SER B 245 -2.58 -11.94 9.53
N LYS B 246 -3.01 -13.14 9.17
CA LYS B 246 -3.53 -14.07 10.14
C LYS B 246 -2.44 -14.71 10.98
N ASN B 247 -1.60 -15.50 10.33
CA ASN B 247 -0.53 -16.23 10.99
C ASN B 247 0.44 -15.47 11.93
N PHE B 248 0.51 -14.16 11.82
CA PHE B 248 1.39 -13.34 12.65
C PHE B 248 0.58 -12.28 13.41
N GLY B 249 -0.75 -12.30 13.19
CA GLY B 249 -1.63 -11.33 13.81
C GLY B 249 -1.17 -9.92 13.51
N LEU B 250 -0.78 -9.69 12.25
CA LEU B 250 -0.27 -8.41 11.84
C LEU B 250 -1.19 -7.68 10.87
N TYR B 251 -2.47 -8.05 10.90
CA TYR B 251 -3.54 -7.50 10.06
C TYR B 251 -3.39 -6.06 9.57
N ASN B 252 -3.10 -5.16 10.49
CA ASN B 252 -3.05 -3.75 10.17
C ASN B 252 -1.71 -3.17 9.77
N GLU B 253 -0.70 -4.03 9.80
CA GLU B 253 0.60 -3.56 9.40
C GLU B 253 0.79 -3.73 7.87
N ARG B 254 -0.10 -4.54 7.21
CA ARG B 254 -0.08 -4.77 5.75
C ARG B 254 1.17 -5.51 5.31
N VAL B 255 1.25 -6.76 5.69
CA VAL B 255 2.40 -7.58 5.41
C VAL B 255 2.03 -8.75 4.56
N GLY B 256 2.55 -8.72 3.32
CA GLY B 256 2.32 -9.77 2.34
C GLY B 256 3.48 -9.84 1.38
N ALA B 257 3.34 -10.80 0.48
CA ALA B 257 4.33 -11.03 -0.55
C ALA B 257 3.72 -11.53 -1.87
N CYS B 258 4.34 -11.10 -2.95
CA CYS B 258 3.99 -11.53 -4.27
C CYS B 258 5.18 -12.27 -4.81
N THR B 259 5.00 -13.57 -5.01
CA THR B 259 6.08 -14.37 -5.54
C THR B 259 5.83 -14.77 -7.00
N LEU B 260 6.84 -14.47 -7.83
CA LEU B 260 6.85 -14.73 -9.26
C LEU B 260 7.80 -15.89 -9.58
N VAL B 261 7.29 -16.90 -10.28
CA VAL B 261 8.16 -17.98 -10.68
C VAL B 261 8.18 -18.20 -12.19
N ALA B 262 9.39 -18.21 -12.76
CA ALA B 262 9.60 -18.38 -14.21
C ALA B 262 10.49 -19.57 -14.52
N ALA B 263 10.62 -19.94 -15.81
CA ALA B 263 11.44 -21.08 -16.18
C ALA B 263 12.89 -20.99 -15.78
N ASP B 264 13.42 -19.78 -15.68
CA ASP B 264 14.82 -19.64 -15.30
C ASP B 264 15.08 -18.29 -14.69
N SER B 265 16.29 -18.11 -14.20
CA SER B 265 16.64 -16.87 -13.58
C SER B 265 16.60 -15.64 -14.48
N GLU B 266 16.96 -15.79 -15.76
CA GLU B 266 16.93 -14.65 -16.67
C GLU B 266 15.54 -14.19 -17.02
N THR B 267 14.64 -15.15 -17.15
CA THR B 267 13.28 -14.81 -17.46
C THR B 267 12.62 -14.15 -16.27
N VAL B 268 12.77 -14.80 -15.11
CA VAL B 268 12.23 -14.27 -13.88
C VAL B 268 12.72 -12.84 -13.65
N ASP B 269 14.02 -12.61 -13.85
CA ASP B 269 14.53 -11.27 -13.67
C ASP B 269 13.90 -10.22 -14.56
N ARG B 270 13.63 -10.57 -15.79
CA ARG B 270 13.06 -9.61 -16.74
C ARG B 270 11.59 -9.33 -16.45
N ALA B 271 10.86 -10.37 -16.08
CA ALA B 271 9.46 -10.22 -15.75
C ALA B 271 9.33 -9.37 -14.47
N PHE B 272 10.11 -9.73 -13.44
CA PHE B 272 10.14 -9.05 -12.15
C PHE B 272 10.32 -7.53 -12.22
N SER B 273 11.13 -7.10 -13.17
CA SER B 273 11.37 -5.67 -13.41
C SER B 273 10.08 -4.99 -13.86
N GLN B 274 9.23 -5.75 -14.54
CA GLN B 274 7.95 -5.22 -14.99
C GLN B 274 7.00 -5.15 -13.78
N MET B 275 7.24 -6.06 -12.84
CA MET B 275 6.47 -6.10 -11.63
C MET B 275 6.82 -4.91 -10.74
N LYS B 276 8.12 -4.65 -10.60
CA LYS B 276 8.55 -3.52 -9.82
C LYS B 276 8.09 -2.23 -10.40
N ALA B 277 7.93 -2.19 -11.72
CA ALA B 277 7.48 -0.95 -12.29
C ALA B 277 6.04 -0.72 -11.93
N ALA B 278 5.26 -1.80 -11.83
CA ALA B 278 3.85 -1.77 -11.46
C ALA B 278 3.66 -1.23 -10.03
N ILE B 279 4.49 -1.73 -9.13
CA ILE B 279 4.48 -1.31 -7.73
C ILE B 279 4.75 0.20 -7.60
N ARG B 280 5.86 0.61 -8.20
CA ARG B 280 6.34 1.98 -8.24
C ARG B 280 5.26 2.99 -8.66
N ALA B 281 4.36 2.57 -9.57
CA ALA B 281 3.29 3.46 -10.01
C ALA B 281 2.04 3.31 -9.15
N ASN B 282 2.14 2.40 -8.17
CA ASN B 282 1.06 2.17 -7.24
C ASN B 282 1.34 2.80 -5.89
N TYR B 283 2.15 2.13 -5.09
CA TYR B 283 2.43 2.63 -3.76
C TYR B 283 3.90 2.94 -3.57
N SER B 284 4.68 2.67 -4.62
CA SER B 284 6.10 2.99 -4.68
C SER B 284 7.08 2.05 -4.01
N ASN B 285 6.90 1.86 -2.71
CA ASN B 285 7.75 0.98 -1.90
C ASN B 285 6.92 0.51 -0.69
N PRO B 286 7.25 -0.62 -0.09
CA PRO B 286 6.37 -1.14 0.97
C PRO B 286 6.64 -0.67 2.41
N PRO B 287 5.64 -0.82 3.31
CA PRO B 287 5.76 -0.42 4.71
C PRO B 287 6.69 -1.36 5.45
N ALA B 288 7.72 -0.79 6.03
CA ALA B 288 8.74 -1.54 6.73
C ALA B 288 8.36 -2.31 8.00
N HIS B 289 7.62 -1.66 8.90
CA HIS B 289 7.24 -2.21 10.20
C HIS B 289 6.85 -3.69 10.31
N GLY B 290 5.68 -4.02 9.77
CA GLY B 290 5.18 -5.38 9.79
C GLY B 290 6.20 -6.39 9.27
N ALA B 291 6.75 -6.11 8.07
CA ALA B 291 7.73 -6.97 7.39
C ALA B 291 9.03 -7.17 8.16
N SER B 292 9.49 -6.10 8.82
CA SER B 292 10.69 -6.21 9.61
C SER B 292 10.38 -7.13 10.74
N VAL B 293 9.16 -6.97 11.27
CA VAL B 293 8.75 -7.83 12.34
C VAL B 293 8.80 -9.27 11.87
N VAL B 294 8.21 -9.55 10.71
CA VAL B 294 8.25 -10.92 10.21
C VAL B 294 9.66 -11.46 9.98
N ALA B 295 10.45 -10.63 9.33
CA ALA B 295 11.82 -10.99 9.02
C ALA B 295 12.62 -11.33 10.27
N THR B 296 12.48 -10.49 11.30
CA THR B 296 13.19 -10.64 12.55
C THR B 296 12.82 -11.94 13.25
N ILE B 297 11.54 -12.19 13.35
CA ILE B 297 11.09 -13.39 13.98
C ILE B 297 11.56 -14.58 13.18
N LEU B 298 11.32 -14.55 11.87
CA LEU B 298 11.72 -15.68 11.04
C LEU B 298 13.20 -15.98 11.03
N SER B 299 14.03 -14.96 11.24
CA SER B 299 15.46 -15.15 11.26
C SER B 299 15.99 -15.67 12.56
N ASN B 300 15.28 -15.44 13.65
CA ASN B 300 15.74 -15.84 14.97
C ASN B 300 15.12 -17.12 15.48
N ASP B 301 16.00 -18.08 15.74
CA ASP B 301 15.60 -19.39 16.20
C ASP B 301 14.67 -19.39 17.39
N ALA B 302 15.00 -18.54 18.36
CA ALA B 302 14.27 -18.33 19.60
C ALA B 302 12.87 -17.79 19.34
N LEU B 303 12.80 -16.58 18.74
CA LEU B 303 11.53 -15.93 18.44
C LEU B 303 10.68 -16.83 17.58
N ARG B 304 11.37 -17.54 16.70
CA ARG B 304 10.76 -18.47 15.78
C ARG B 304 10.01 -19.60 16.47
N ALA B 305 10.68 -20.17 17.50
CA ALA B 305 10.16 -21.25 18.33
C ALA B 305 8.95 -20.73 19.07
N ILE B 306 9.10 -19.53 19.60
CA ILE B 306 7.99 -18.94 20.28
C ILE B 306 6.86 -18.72 19.29
N TRP B 307 7.14 -18.07 18.16
CA TRP B 307 6.09 -17.84 17.15
C TRP B 307 5.39 -19.12 16.71
N GLU B 308 6.12 -20.18 16.40
CA GLU B 308 5.42 -21.38 15.94
C GLU B 308 4.48 -21.96 16.95
N GLN B 309 4.80 -21.75 18.23
CA GLN B 309 3.99 -22.27 19.30
C GLN B 309 2.70 -21.50 19.39
N GLU B 310 2.81 -20.16 19.27
CA GLU B 310 1.61 -19.33 19.26
C GLU B 310 0.68 -19.70 18.09
N LEU B 311 1.26 -20.11 16.94
CA LEU B 311 0.49 -20.48 15.73
C LEU B 311 -0.23 -21.78 15.98
N THR B 312 0.52 -22.67 16.64
CA THR B 312 0.00 -23.95 17.01
C THR B 312 -1.17 -23.79 17.97
N ASP B 313 -1.03 -22.85 18.90
CA ASP B 313 -2.12 -22.60 19.83
C ASP B 313 -3.34 -22.05 19.09
N MET B 314 -3.11 -21.11 18.17
CA MET B 314 -4.24 -20.58 17.43
C MET B 314 -4.94 -21.70 16.66
N ARG B 315 -4.14 -22.47 15.94
CA ARG B 315 -4.68 -23.56 15.17
C ARG B 315 -5.46 -24.53 16.05
N GLN B 316 -4.86 -24.98 17.15
CA GLN B 316 -5.56 -25.89 18.04
C GLN B 316 -6.83 -25.30 18.66
N ARG B 317 -6.83 -24.00 18.95
CA ARG B 317 -8.05 -23.44 19.48
C ARG B 317 -9.17 -23.57 18.46
N ILE B 318 -8.86 -23.34 17.18
CA ILE B 318 -9.89 -23.48 16.16
C ILE B 318 -10.41 -24.91 16.09
N GLN B 319 -9.49 -25.87 16.06
CA GLN B 319 -9.89 -27.28 16.03
C GLN B 319 -10.83 -27.63 17.16
N ARG B 320 -10.59 -27.02 18.34
CA ARG B 320 -11.40 -27.20 19.54
C ARG B 320 -12.81 -26.68 19.33
N MET B 321 -12.88 -25.46 18.78
CA MET B 321 -14.16 -24.86 18.51
C MET B 321 -14.96 -25.65 17.49
N ARG B 322 -14.31 -26.32 16.52
CA ARG B 322 -15.04 -27.11 15.52
C ARG B 322 -15.81 -28.25 16.19
N GLN B 323 -15.11 -28.97 17.06
CA GLN B 323 -15.66 -30.10 17.80
C GLN B 323 -16.75 -29.68 18.79
N LEU B 324 -16.44 -28.69 19.58
CA LEU B 324 -17.38 -28.19 20.55
C LEU B 324 -18.66 -27.70 19.86
N PHE B 325 -18.51 -27.10 18.66
CA PHE B 325 -19.63 -26.58 17.86
C PHE B 325 -20.53 -27.72 17.39
N VAL B 326 -19.96 -28.81 16.88
CA VAL B 326 -20.82 -29.88 16.44
C VAL B 326 -21.47 -30.60 17.61
N ASN B 327 -20.76 -30.62 18.74
CA ASN B 327 -21.28 -31.26 19.93
C ASN B 327 -22.44 -30.48 20.50
N THR B 328 -22.23 -29.19 20.70
CA THR B 328 -23.28 -28.33 21.21
C THR B 328 -24.53 -28.34 20.32
N LEU B 329 -24.33 -28.25 19.02
CA LEU B 329 -25.43 -28.26 18.06
C LEU B 329 -26.25 -29.53 18.29
N GLN B 330 -25.51 -30.64 18.42
CA GLN B 330 -25.98 -31.98 18.66
C GLN B 330 -26.89 -32.00 19.85
N GLU B 331 -26.29 -31.59 20.95
CA GLU B 331 -27.05 -31.56 22.16
C GLU B 331 -28.22 -30.63 22.06
N LYS B 332 -27.95 -29.39 21.84
CA LYS B 332 -28.96 -28.37 21.70
C LYS B 332 -30.17 -28.72 20.79
N GLY B 333 -30.15 -29.88 20.12
CA GLY B 333 -31.32 -30.26 19.33
C GLY B 333 -31.31 -30.23 17.81
N ALA B 334 -30.19 -29.94 17.15
CA ALA B 334 -30.21 -29.89 15.70
C ALA B 334 -30.71 -31.16 15.00
N ASN B 335 -31.38 -30.92 13.87
CA ASN B 335 -31.90 -31.98 13.03
C ASN B 335 -30.83 -32.38 12.05
N ARG B 336 -30.29 -31.39 11.31
CA ARG B 336 -29.25 -31.69 10.35
C ARG B 336 -28.09 -32.38 11.07
N ASP B 337 -27.21 -33.04 10.32
CA ASP B 337 -26.03 -33.67 10.90
C ASP B 337 -24.82 -32.84 10.45
N PHE B 338 -24.24 -32.09 11.39
CA PHE B 338 -23.12 -31.20 11.14
C PHE B 338 -21.71 -31.77 11.33
N SER B 339 -21.54 -33.07 11.27
CA SER B 339 -20.21 -33.60 11.43
C SER B 339 -19.20 -33.13 10.38
N PHE B 340 -19.68 -32.84 9.16
CA PHE B 340 -18.82 -32.37 8.07
C PHE B 340 -17.94 -31.26 8.54
N ILE B 341 -18.43 -30.50 9.53
CA ILE B 341 -17.68 -29.39 10.08
C ILE B 341 -16.28 -29.81 10.42
N ILE B 342 -16.21 -30.87 11.22
CA ILE B 342 -14.95 -31.42 11.67
C ILE B 342 -13.91 -31.55 10.59
N LYS B 343 -14.36 -31.92 9.40
CA LYS B 343 -13.45 -32.11 8.29
C LYS B 343 -12.95 -30.85 7.62
N GLN B 344 -13.54 -29.70 7.96
CA GLN B 344 -13.12 -28.46 7.38
C GLN B 344 -11.87 -27.93 8.01
N ASN B 345 -11.23 -27.01 7.30
CA ASN B 345 -9.98 -26.45 7.75
C ASN B 345 -9.99 -24.96 7.88
N GLY B 346 -9.24 -24.51 8.89
CA GLY B 346 -9.06 -23.12 9.15
C GLY B 346 -10.19 -22.47 9.92
N MET B 347 -10.36 -21.19 9.63
CA MET B 347 -11.33 -20.39 10.30
C MET B 347 -12.75 -20.50 9.84
N PHE B 348 -12.97 -20.72 8.57
CA PHE B 348 -14.32 -20.75 8.07
C PHE B 348 -14.94 -22.12 8.00
N SER B 349 -16.27 -22.11 7.94
CA SER B 349 -17.07 -23.31 7.78
C SER B 349 -18.36 -22.94 7.11
N PHE B 350 -18.66 -23.58 5.98
CA PHE B 350 -19.91 -23.32 5.29
C PHE B 350 -20.90 -24.21 6.06
N SER B 351 -21.69 -23.60 6.93
CA SER B 351 -22.66 -24.28 7.77
C SER B 351 -23.75 -24.97 6.98
N GLY B 352 -24.05 -24.42 5.80
CA GLY B 352 -25.10 -24.91 4.91
C GLY B 352 -26.41 -24.13 5.12
N LEU B 353 -26.29 -22.87 5.57
CA LEU B 353 -27.42 -22.00 5.83
C LEU B 353 -27.85 -21.28 4.58
N THR B 354 -29.15 -21.01 4.43
CA THR B 354 -29.58 -20.27 3.26
C THR B 354 -29.42 -18.80 3.54
N LYS B 355 -29.68 -18.04 2.50
CA LYS B 355 -29.61 -16.61 2.53
C LYS B 355 -30.54 -16.02 3.56
N GLU B 356 -31.72 -16.62 3.66
CA GLU B 356 -32.73 -16.16 4.58
C GLU B 356 -32.39 -16.50 5.99
N GLN B 357 -31.93 -17.73 6.20
CA GLN B 357 -31.54 -18.18 7.50
C GLN B 357 -30.53 -17.21 8.08
N VAL B 358 -29.59 -16.76 7.24
CA VAL B 358 -28.61 -15.81 7.75
C VAL B 358 -29.23 -14.46 8.06
N LEU B 359 -30.20 -14.08 7.27
CA LEU B 359 -30.85 -12.82 7.50
C LEU B 359 -31.54 -12.85 8.84
N ARG B 360 -32.31 -13.91 9.03
CA ARG B 360 -33.08 -14.17 10.24
C ARG B 360 -32.20 -14.27 11.46
N LEU B 361 -31.20 -15.13 11.36
CA LEU B 361 -30.22 -15.37 12.39
C LEU B 361 -29.59 -14.06 12.86
N ARG B 362 -29.79 -13.01 12.10
CA ARG B 362 -29.15 -11.81 12.52
C ARG B 362 -30.14 -10.72 12.90
N GLU B 363 -31.33 -10.75 12.28
CA GLU B 363 -32.36 -9.79 12.64
C GLU B 363 -32.97 -10.29 13.95
N GLU B 364 -33.18 -11.61 14.00
CA GLU B 364 -33.79 -12.30 15.13
C GLU B 364 -32.99 -12.29 16.41
N PHE B 365 -31.71 -12.67 16.36
CA PHE B 365 -30.92 -12.73 17.58
C PHE B 365 -29.59 -12.09 17.57
N GLY B 366 -29.23 -11.42 16.54
CA GLY B 366 -27.94 -10.81 16.63
C GLY B 366 -26.73 -11.70 16.42
N VAL B 367 -26.88 -12.79 15.65
CA VAL B 367 -25.75 -13.64 15.27
C VAL B 367 -25.37 -13.17 13.85
N TYR B 368 -24.14 -12.67 13.68
CA TYR B 368 -23.65 -12.14 12.42
C TYR B 368 -22.74 -13.12 11.66
N ALA B 369 -23.27 -13.76 10.62
CA ALA B 369 -22.48 -14.67 9.80
C ALA B 369 -22.19 -13.94 8.49
N VAL B 370 -21.51 -14.59 7.52
CA VAL B 370 -21.21 -14.00 6.21
C VAL B 370 -22.37 -14.31 5.31
N ALA B 371 -22.71 -13.35 4.42
CA ALA B 371 -23.81 -13.48 3.48
C ALA B 371 -23.85 -14.85 2.86
N SER B 372 -22.65 -15.35 2.61
CA SER B 372 -22.51 -16.65 2.01
C SER B 372 -23.02 -17.80 2.87
N GLY B 373 -23.19 -17.53 4.16
CA GLY B 373 -23.64 -18.61 5.03
C GLY B 373 -22.45 -19.21 5.73
N ALA B 374 -21.32 -18.55 5.57
CA ALA B 374 -20.12 -19.02 6.22
C ALA B 374 -20.05 -18.45 7.62
N VAL B 375 -19.36 -19.18 8.44
CA VAL B 375 -19.26 -18.79 9.80
C VAL B 375 -17.84 -18.94 10.28
N ASN B 376 -17.31 -17.87 10.85
CA ASN B 376 -15.95 -17.84 11.37
C ASN B 376 -15.83 -18.60 12.69
N VAL B 377 -15.34 -19.83 12.60
CA VAL B 377 -15.15 -20.65 13.78
C VAL B 377 -14.24 -20.01 14.84
N ALA B 378 -13.37 -19.10 14.42
CA ALA B 378 -12.46 -18.46 15.34
C ALA B 378 -13.03 -17.33 16.18
N GLY B 379 -14.33 -17.09 16.04
CA GLY B 379 -15.00 -16.03 16.78
C GLY B 379 -15.96 -16.63 17.80
N MET B 380 -15.88 -17.95 17.91
CA MET B 380 -16.64 -18.79 18.81
C MET B 380 -15.81 -19.02 20.07
N THR B 381 -16.47 -18.93 21.22
CA THR B 381 -15.85 -19.14 22.52
C THR B 381 -16.72 -20.06 23.34
N PRO B 382 -16.17 -20.61 24.43
CA PRO B 382 -16.96 -21.52 25.25
C PRO B 382 -18.15 -20.80 25.86
N ASP B 383 -17.98 -19.52 26.05
CA ASP B 383 -19.06 -18.74 26.59
C ASP B 383 -20.22 -18.65 25.61
N ASN B 384 -19.94 -18.03 24.45
CA ASN B 384 -20.92 -17.80 23.37
C ASN B 384 -21.43 -19.02 22.60
N MET B 385 -20.85 -20.18 22.82
CA MET B 385 -21.31 -21.33 22.10
C MET B 385 -22.81 -21.61 22.23
N ALA B 386 -23.29 -21.88 23.44
CA ALA B 386 -24.70 -22.21 23.67
C ALA B 386 -25.72 -21.30 22.99
N PRO B 387 -25.66 -20.03 23.30
CA PRO B 387 -26.52 -19.03 22.74
C PRO B 387 -26.49 -19.11 21.23
N LEU B 388 -25.28 -19.30 20.71
CA LEU B 388 -25.01 -19.40 19.28
C LEU B 388 -25.82 -20.52 18.66
N CYS B 389 -25.57 -21.71 19.16
CA CYS B 389 -26.23 -22.88 18.66
C CYS B 389 -27.72 -22.84 18.89
N GLU B 390 -28.13 -22.17 19.94
CA GLU B 390 -29.54 -22.08 20.19
C GLU B 390 -30.16 -21.35 19.01
N ALA B 391 -29.55 -20.22 18.63
CA ALA B 391 -30.04 -19.43 17.51
C ALA B 391 -30.00 -20.19 16.18
N ILE B 392 -28.94 -20.95 15.99
CA ILE B 392 -28.83 -21.71 14.77
C ILE B 392 -29.94 -22.73 14.63
N VAL B 393 -30.15 -23.53 15.67
CA VAL B 393 -31.21 -24.51 15.64
C VAL B 393 -32.57 -23.85 15.42
N ALA B 394 -32.74 -22.68 16.00
CA ALA B 394 -33.99 -21.99 15.85
C ALA B 394 -34.35 -21.73 14.40
N VAL B 395 -33.33 -21.70 13.54
CA VAL B 395 -33.54 -21.42 12.13
C VAL B 395 -33.48 -22.58 11.11
N LEU B 396 -32.93 -23.73 11.47
CA LEU B 396 -32.87 -24.84 10.54
C LEU B 396 -34.25 -25.19 10.02
N1 PPD C . 5.44 13.99 -4.68
C2 PPD C . 6.67 14.53 -4.79
C2A PPD C . 6.79 15.90 -5.38
C3 PPD C . 7.75 13.75 -4.34
O3 PPD C . 8.97 14.32 -4.45
C4 PPD C . 7.57 12.49 -3.81
C4A PPD C . 8.68 11.69 -3.34
C5 PPD C . 6.23 12.03 -3.71
C6 PPD C . 5.19 12.78 -4.14
C5A PPD C . 5.98 10.61 -3.14
O4P PPD C . 6.23 10.61 -1.73
P PPD C . 6.12 9.31 -0.79
O1P PPD C . 5.47 9.74 0.46
O2P PPD C . 7.59 8.87 -0.49
O3P PPD C . 5.43 8.27 -1.57
N PPD C . 9.87 11.88 -4.21
CA PPD C . 11.26 11.71 -3.68
CB PPD C . 11.55 10.26 -3.38
CG PPD C . 11.05 9.30 -4.44
OD1 PPD C . 10.59 9.73 -5.53
OD2 PPD C . 11.11 8.04 -4.22
C PPD C . 12.29 12.26 -4.61
O PPD C . 11.98 13.16 -5.45
OXT PPD C . 13.46 11.78 -4.51
N1 PPD D . -7.17 -13.58 0.57
C2 PPD D . -8.09 -14.17 1.34
C2A PPD D . -8.65 -15.52 0.93
C3 PPD D . -8.50 -13.48 2.50
O3 PPD D . -9.43 -14.11 3.26
C4 PPD D . -7.96 -12.25 2.84
C4A PPD D . -8.38 -11.55 4.02
C5 PPD D . -7.00 -11.70 1.95
C6 PPD D . -6.62 -12.37 0.84
C5A PPD D . -6.43 -10.30 2.21
O4P PPD D . -5.56 -10.37 3.28
P PPD D . -4.77 -9.14 3.73
O1P PPD D . -3.47 -9.71 4.12
O2P PPD D . -5.58 -8.60 4.94
O3P PPD D . -4.83 -8.20 2.60
N PPD D . -9.84 -11.68 4.12
CA PPD D . -10.50 -11.45 5.41
CB PPD D . -10.53 -9.98 5.76
CG PPD D . -11.04 -9.12 4.64
OD1 PPD D . -10.88 -7.87 4.73
OD2 PPD D . -11.64 -9.67 3.66
C PPD D . -11.88 -12.06 5.38
O PPD D . -12.10 -13.08 4.67
OXT PPD D . -12.76 -11.54 6.12
#